data_2ICR
#
_entry.id   2ICR
#
_cell.length_a   115.190
_cell.length_b   146.738
_cell.length_c   122.928
_cell.angle_alpha   90.00
_cell.angle_beta   90.00
_cell.angle_gamma   90.00
#
_symmetry.space_group_name_H-M   'C 2 2 21'
#
loop_
_entity.id
_entity.type
_entity.pdbx_description
1 polymer 'Red fluorescent protein zoanRFP'
2 non-polymer 'SULFATE ION'
3 water water
#
_entity_poly.entity_id   1
_entity_poly.type   'polypeptide(L)'
_entity_poly.pdbx_seq_one_letter_code
;MRGSHHHHHHGSAHGLTDDMTMHFRMEGCVDGHKFVIEGNGNGNPFKGKQFINLCVIEGGPLPFSEDILSAAF(XYG)NR
LFTEYPEGIVDYFKNSCPAGYTWHRSFRFEDGAVCICSADITVNVRENCIYHESTFYGVNFPADGPVMKKMTTNWEPSCE
KIIPINSQKILKGDVSMYLLLKDGGRYRCQFDTIYKAKTEPKEMPDWHFIQHKLNREDRSDAKNQKWQLIEHAIASRSAL
P
;
_entity_poly.pdbx_strand_id   A,B,C,D
#
loop_
_chem_comp.id
_chem_comp.type
_chem_comp.name
_chem_comp.formula
SO4 non-polymer 'SULFATE ION' 'O4 S -2'
#
# COMPACT_ATOMS: atom_id res chain seq x y z
N SER A 12 45.90 6.81 -25.00
CA SER A 12 45.02 7.44 -24.00
C SER A 12 45.44 7.02 -22.60
N ALA A 13 45.34 7.85 -21.57
CA ALA A 13 45.75 7.38 -20.24
C ALA A 13 44.64 6.57 -19.57
N HIS A 14 44.85 5.24 -19.53
CA HIS A 14 43.88 4.33 -18.94
C HIS A 14 42.72 4.19 -19.90
N GLY A 15 42.86 4.75 -21.11
CA GLY A 15 41.86 4.71 -22.14
C GLY A 15 40.70 5.67 -21.93
N LEU A 16 40.79 6.62 -21.01
CA LEU A 16 39.71 7.56 -20.78
C LEU A 16 39.97 8.90 -21.49
N THR A 17 38.88 9.55 -21.86
CA THR A 17 38.91 10.85 -22.53
C THR A 17 37.92 11.72 -21.77
N ASP A 18 37.97 13.04 -22.07
CA ASP A 18 37.06 13.92 -21.33
C ASP A 18 35.65 14.01 -21.92
N ASP A 19 35.33 13.24 -22.94
CA ASP A 19 33.97 13.28 -23.56
C ASP A 19 33.70 11.88 -24.07
N MET A 20 33.20 11.05 -23.12
CA MET A 20 32.94 9.65 -23.49
C MET A 20 31.47 9.33 -23.56
N THR A 21 31.17 8.15 -24.10
CA THR A 21 29.78 7.73 -24.15
C THR A 21 29.72 6.54 -23.17
N MET A 22 28.51 6.08 -22.85
CA MET A 22 28.25 4.98 -21.98
C MET A 22 27.08 4.17 -22.56
N HIS A 23 27.08 2.90 -22.16
CA HIS A 23 26.04 1.97 -22.56
C HIS A 23 25.62 1.25 -21.27
N PHE A 24 24.31 1.23 -20.99
CA PHE A 24 23.80 0.58 -19.81
C PHE A 24 22.78 -0.52 -20.05
N ARG A 25 22.82 -1.52 -19.17
CA ARG A 25 21.87 -2.58 -19.20
C ARG A 25 21.73 -3.03 -17.71
N MET A 26 20.52 -2.99 -17.17
CA MET A 26 20.24 -3.40 -15.81
C MET A 26 19.10 -4.43 -15.88
N GLU A 27 19.22 -5.52 -15.14
CA GLU A 27 18.20 -6.58 -15.03
C GLU A 27 17.87 -6.56 -13.54
N GLY A 28 16.61 -6.62 -13.15
CA GLY A 28 16.28 -6.59 -11.73
C GLY A 28 14.92 -7.16 -11.41
N CYS A 29 14.66 -7.14 -10.10
CA CYS A 29 13.40 -7.65 -9.60
C CYS A 29 13.13 -7.05 -8.23
N VAL A 30 11.97 -6.44 -8.05
CA VAL A 30 11.67 -5.86 -6.75
C VAL A 30 10.31 -6.42 -6.34
N ASP A 31 10.30 -7.10 -5.18
CA ASP A 31 9.09 -7.72 -4.65
C ASP A 31 8.36 -8.54 -5.71
N GLY A 32 9.15 -9.27 -6.53
CA GLY A 32 8.61 -10.13 -7.57
C GLY A 32 8.36 -9.47 -8.90
N HIS A 33 8.52 -8.14 -8.92
CA HIS A 33 8.29 -7.49 -10.20
C HIS A 33 9.59 -7.44 -11.01
N LYS A 34 9.70 -8.20 -12.10
CA LYS A 34 10.90 -8.20 -12.93
C LYS A 34 10.92 -7.06 -13.92
N PHE A 35 12.15 -6.61 -14.24
CA PHE A 35 12.28 -5.53 -15.19
C PHE A 35 13.67 -5.51 -15.81
N VAL A 36 13.75 -4.81 -16.95
CA VAL A 36 14.98 -4.64 -17.68
C VAL A 36 15.01 -3.17 -18.12
N ILE A 37 16.17 -2.55 -17.92
CA ILE A 37 16.37 -1.16 -18.29
C ILE A 37 17.60 -1.07 -19.18
N GLU A 38 17.52 -0.25 -20.20
CA GLU A 38 18.67 -0.06 -21.08
C GLU A 38 18.78 1.45 -21.26
N GLY A 39 20.01 1.86 -21.59
CA GLY A 39 20.22 3.29 -21.80
C GLY A 39 21.62 3.58 -22.33
N ASN A 40 21.84 4.89 -22.42
CA ASN A 40 23.14 5.36 -22.90
C ASN A 40 23.46 6.64 -22.15
N GLY A 41 24.57 7.26 -22.47
CA GLY A 41 24.89 8.49 -21.74
C GLY A 41 26.16 9.09 -22.27
N ASN A 42 26.55 10.17 -21.63
CA ASN A 42 27.78 10.85 -22.02
C ASN A 42 28.34 11.52 -20.74
N GLY A 43 29.64 11.69 -20.71
CA GLY A 43 30.19 12.34 -19.51
C GLY A 43 31.69 12.59 -19.65
N ASN A 44 32.17 13.31 -18.63
CA ASN A 44 33.58 13.69 -18.50
C ASN A 44 34.10 13.07 -17.21
N PRO A 45 34.79 11.94 -17.31
CA PRO A 45 35.28 11.32 -16.08
C PRO A 45 36.23 12.22 -15.26
N PHE A 46 37.00 13.07 -15.93
CA PHE A 46 37.98 13.96 -15.26
C PHE A 46 37.30 15.06 -14.44
N LYS A 47 36.06 15.39 -14.78
CA LYS A 47 35.34 16.43 -14.03
C LYS A 47 34.27 15.75 -13.17
N GLY A 48 34.21 14.41 -13.19
CA GLY A 48 33.23 13.69 -12.38
C GLY A 48 31.80 14.01 -12.73
N LYS A 49 31.50 14.22 -14.02
CA LYS A 49 30.14 14.56 -14.42
C LYS A 49 29.59 13.66 -15.50
N GLN A 50 28.35 13.22 -15.30
CA GLN A 50 27.76 12.35 -16.31
C GLN A 50 26.26 12.57 -16.49
N PHE A 51 25.80 12.28 -17.70
CA PHE A 51 24.41 12.40 -18.15
C PHE A 51 23.99 10.99 -18.56
N ILE A 52 22.95 10.45 -17.95
CA ILE A 52 22.46 9.10 -18.20
C ILE A 52 21.02 9.07 -18.67
N ASN A 53 20.75 8.44 -19.81
CA ASN A 53 19.42 8.34 -20.42
C ASN A 53 18.95 6.90 -20.35
N LEU A 54 17.92 6.71 -19.53
CA LEU A 54 17.39 5.37 -19.35
C LEU A 54 15.97 5.16 -19.84
N CYS A 55 15.70 3.90 -20.19
CA CYS A 55 14.39 3.51 -20.66
C CYS A 55 14.04 2.12 -20.14
N VAL A 56 12.83 1.92 -19.65
CA VAL A 56 12.38 0.63 -19.15
C VAL A 56 12.00 -0.18 -20.38
N ILE A 57 12.74 -1.23 -20.71
CA ILE A 57 12.37 -2.00 -21.91
C ILE A 57 11.55 -3.24 -21.59
N GLU A 58 11.54 -3.70 -20.36
CA GLU A 58 10.76 -4.85 -19.91
C GLU A 58 10.24 -4.54 -18.48
N GLY A 59 8.98 -4.86 -18.20
CA GLY A 59 8.43 -4.63 -16.88
C GLY A 59 7.88 -3.26 -16.60
N GLY A 60 7.75 -2.39 -17.61
CA GLY A 60 7.20 -1.07 -17.34
C GLY A 60 5.70 -1.01 -17.54
N PRO A 61 5.01 -0.07 -16.91
CA PRO A 61 5.60 0.92 -16.00
C PRO A 61 5.94 0.32 -14.64
N LEU A 62 7.07 0.75 -14.07
CA LEU A 62 7.46 0.20 -12.76
C LEU A 62 6.47 0.62 -11.68
N PRO A 63 6.13 -0.33 -10.83
CA PRO A 63 5.19 -0.10 -9.72
C PRO A 63 5.85 0.57 -8.52
N PHE A 64 7.20 0.62 -8.54
CA PHE A 64 7.97 1.23 -7.46
C PHE A 64 8.64 2.50 -8.00
N SER A 65 8.95 3.40 -7.10
CA SER A 65 9.62 4.65 -7.48
C SER A 65 10.95 4.36 -8.17
N GLU A 66 11.14 5.00 -9.32
CA GLU A 66 12.42 4.74 -9.97
C GLU A 66 13.61 5.33 -9.25
N ASP A 67 13.39 6.22 -8.29
CA ASP A 67 14.55 6.77 -7.59
C ASP A 67 15.33 5.72 -6.83
N ILE A 68 14.70 4.58 -6.49
CA ILE A 68 15.55 3.62 -5.74
C ILE A 68 16.69 3.06 -6.55
N LEU A 69 16.54 3.13 -7.89
CA LEU A 69 17.59 2.60 -8.74
C LEU A 69 18.71 3.51 -9.17
N SER A 70 18.53 4.81 -8.95
CA SER A 70 19.50 5.76 -9.43
C SER A 70 20.96 5.59 -9.11
N ALA A 71 21.28 5.18 -7.89
CA ALA A 71 22.72 5.06 -7.60
C ALA A 71 23.39 3.82 -8.15
N ALA A 72 22.67 3.05 -8.95
CA ALA A 72 23.28 1.89 -9.54
C ALA A 72 23.93 2.30 -10.85
N PHE A 73 23.67 3.48 -11.41
CA PHE A 73 24.24 3.85 -12.73
C PHE A 73 25.51 4.69 -12.80
N1 XYG A 74 25.97 5.49 -11.87
CB1 XYG A 74 24.49 7.14 -10.83
CA1 XYG A 74 25.49 5.98 -10.72
C1 XYG A 74 26.08 5.71 -9.50
N2 XYG A 74 25.93 6.50 -8.43
OH XYG A 74 24.61 10.59 -3.10
CD2 XYG A 74 26.50 7.56 -3.96
CE2 XYG A 74 25.93 8.61 -3.22
CZ XYG A 74 25.14 9.53 -3.81
CE1 XYG A 74 24.84 9.45 -5.19
CD1 XYG A 74 25.38 8.41 -5.93
CG2 XYG A 74 26.21 7.45 -5.33
CB2 XYG A 74 26.80 6.35 -6.08
CA2 XYG A 74 26.66 5.96 -7.36
C2 XYG A 74 27.34 4.73 -7.85
O2 XYG A 74 28.08 3.94 -7.31
N3 XYG A 74 26.88 4.64 -9.16
CA3 XYG A 74 27.13 3.42 -9.93
C3 XYG A 74 28.31 3.32 -10.84
O3 XYG A 74 28.50 2.27 -11.41
N ASN A 75 29.07 4.43 -10.96
CA ASN A 75 30.24 4.36 -11.88
C ASN A 75 31.21 5.42 -11.37
N ARG A 76 32.10 4.99 -10.48
CA ARG A 76 33.08 5.88 -9.85
C ARG A 76 34.15 6.38 -10.77
N LEU A 77 34.12 6.01 -12.04
CA LEU A 77 35.08 6.54 -13.02
C LEU A 77 34.73 8.03 -13.09
N PHE A 78 33.45 8.35 -12.89
CA PHE A 78 32.94 9.71 -12.89
C PHE A 78 33.03 10.34 -11.50
N THR A 79 34.28 10.60 -11.13
CA THR A 79 34.61 11.22 -9.87
C THR A 79 35.80 12.12 -10.11
N GLU A 80 35.72 13.39 -9.74
CA GLU A 80 36.90 14.22 -9.95
C GLU A 80 37.84 14.03 -8.76
N TYR A 81 39.01 13.44 -8.97
CA TYR A 81 39.96 13.25 -7.91
C TYR A 81 41.10 14.28 -7.97
N PRO A 82 41.53 14.76 -6.81
CA PRO A 82 42.68 15.68 -6.76
C PRO A 82 43.93 14.81 -6.84
N GLU A 83 45.07 15.30 -7.30
CA GLU A 83 46.32 14.55 -7.39
C GLU A 83 46.78 13.97 -6.07
N GLY A 84 46.41 14.59 -4.94
CA GLY A 84 46.82 14.12 -3.62
C GLY A 84 46.10 12.90 -3.07
N ILE A 85 45.12 12.40 -3.83
CA ILE A 85 44.39 11.21 -3.37
C ILE A 85 44.50 10.18 -4.50
N VAL A 86 44.91 8.94 -4.25
CA VAL A 86 45.02 7.91 -5.27
C VAL A 86 43.61 7.67 -5.85
N ASP A 87 43.49 7.64 -7.17
CA ASP A 87 42.22 7.40 -7.88
C ASP A 87 42.17 5.91 -8.24
N TYR A 88 41.62 5.11 -7.32
CA TYR A 88 41.54 3.66 -7.50
C TYR A 88 40.76 3.22 -8.72
N PHE A 89 39.73 4.03 -9.00
CA PHE A 89 38.89 3.66 -10.15
C PHE A 89 39.51 3.91 -11.50
N LYS A 90 40.07 5.09 -11.73
CA LYS A 90 40.69 5.32 -13.03
C LYS A 90 41.93 4.43 -13.15
N ASN A 91 42.63 4.12 -12.04
CA ASN A 91 43.80 3.25 -12.11
C ASN A 91 43.39 1.83 -12.55
N SER A 92 42.13 1.47 -12.36
N SER A 92 42.14 1.45 -12.37
CA SER A 92 41.65 0.16 -12.76
CA SER A 92 41.74 0.14 -12.81
C SER A 92 41.27 0.06 -14.23
C SER A 92 41.30 0.06 -14.24
N CYS A 93 41.34 1.18 -14.93
CA CYS A 93 41.00 1.21 -16.35
C CYS A 93 42.16 0.89 -17.27
N PRO A 94 41.90 0.42 -18.47
CA PRO A 94 40.55 0.18 -19.02
C PRO A 94 39.80 -1.08 -18.63
N ALA A 95 40.40 -2.05 -17.96
CA ALA A 95 39.69 -3.26 -17.58
C ALA A 95 38.43 -2.89 -16.83
N GLY A 96 38.58 -1.95 -15.88
CA GLY A 96 37.40 -1.55 -15.12
C GLY A 96 37.37 -2.11 -13.69
N TYR A 97 36.15 -2.03 -13.12
CA TYR A 97 35.98 -2.49 -11.75
C TYR A 97 34.58 -3.06 -11.55
N THR A 98 34.33 -3.65 -10.38
CA THR A 98 33.02 -4.19 -10.07
C THR A 98 32.68 -3.67 -8.69
N TRP A 99 31.39 -3.64 -8.34
CA TRP A 99 31.00 -3.17 -7.02
C TRP A 99 29.73 -3.88 -6.60
N HIS A 100 29.51 -3.97 -5.29
CA HIS A 100 28.39 -4.63 -4.64
C HIS A 100 27.92 -3.76 -3.50
N ARG A 101 26.62 -3.50 -3.48
CA ARG A 101 26.06 -2.64 -2.48
C ARG A 101 24.78 -3.12 -1.86
N SER A 102 24.54 -2.77 -0.61
CA SER A 102 23.30 -3.11 0.06
C SER A 102 22.68 -1.71 0.35
N PHE A 103 21.37 -1.65 0.22
CA PHE A 103 20.46 -0.53 0.42
C PHE A 103 19.51 -0.89 1.57
N ARG A 104 19.68 -0.28 2.75
CA ARG A 104 18.80 -0.59 3.89
C ARG A 104 17.89 0.60 4.18
N PHE A 105 16.62 0.49 3.88
CA PHE A 105 15.74 1.64 4.11
C PHE A 105 15.14 1.61 5.51
N GLU A 106 14.85 2.83 6.00
CA GLU A 106 14.31 2.95 7.35
C GLU A 106 13.01 2.22 7.60
N ASP A 107 12.26 1.85 6.58
CA ASP A 107 10.98 1.15 6.84
C ASP A 107 11.15 -0.35 6.63
N GLY A 108 12.40 -0.81 6.66
CA GLY A 108 12.65 -2.22 6.50
C GLY A 108 12.89 -2.79 5.13
N ALA A 109 12.62 -2.01 4.10
CA ALA A 109 12.88 -2.54 2.76
C ALA A 109 14.39 -2.68 2.57
N VAL A 110 14.81 -3.67 1.80
CA VAL A 110 16.22 -3.88 1.54
C VAL A 110 16.46 -4.13 0.07
N CYS A 111 17.49 -3.53 -0.48
CA CYS A 111 17.84 -3.74 -1.86
C CYS A 111 19.32 -4.10 -1.94
N ILE A 112 19.69 -4.76 -3.01
CA ILE A 112 21.12 -5.09 -3.17
C ILE A 112 21.35 -4.86 -4.66
N CYS A 113 22.54 -4.37 -5.00
CA CYS A 113 22.80 -4.13 -6.43
CA CYS A 113 22.80 -4.15 -6.44
C CYS A 113 24.27 -4.44 -6.66
N SER A 114 24.59 -4.82 -7.89
CA SER A 114 25.95 -5.12 -8.23
C SER A 114 26.16 -4.63 -9.66
N ALA A 115 27.36 -4.20 -10.01
CA ALA A 115 27.58 -3.76 -11.39
C ALA A 115 29.01 -4.10 -11.74
N ASP A 116 29.22 -4.09 -13.07
CA ASP A 116 30.48 -4.37 -13.71
C ASP A 116 30.72 -3.25 -14.72
N ILE A 117 31.80 -2.54 -14.59
CA ILE A 117 32.18 -1.42 -15.49
C ILE A 117 33.39 -1.81 -16.32
N THR A 118 33.36 -1.57 -17.62
CA THR A 118 34.47 -1.88 -18.51
C THR A 118 34.67 -0.74 -19.49
N VAL A 119 35.90 -0.40 -19.86
CA VAL A 119 36.07 0.68 -20.83
C VAL A 119 36.42 0.02 -22.18
N ASN A 120 35.71 0.39 -23.24
CA ASN A 120 35.95 -0.03 -24.59
C ASN A 120 36.74 1.11 -25.16
N VAL A 121 38.05 1.00 -25.15
CA VAL A 121 38.87 2.12 -25.61
C VAL A 121 38.62 2.55 -27.03
N ARG A 122 38.61 1.60 -27.96
CA ARG A 122 38.38 1.92 -29.36
C ARG A 122 37.04 2.63 -29.56
N GLU A 123 36.01 2.29 -28.80
CA GLU A 123 34.71 2.95 -28.97
C GLU A 123 34.60 4.22 -28.12
N ASN A 124 35.54 4.52 -27.24
CA ASN A 124 35.51 5.69 -26.33
C ASN A 124 34.19 5.55 -25.55
N CYS A 125 33.83 4.31 -25.20
CA CYS A 125 32.59 4.01 -24.50
C CYS A 125 32.76 3.09 -23.31
N ILE A 126 32.06 3.50 -22.24
CA ILE A 126 32.09 2.74 -21.00
C ILE A 126 30.85 1.84 -20.94
N TYR A 127 31.07 0.53 -20.82
CA TYR A 127 29.97 -0.44 -20.76
C TYR A 127 29.66 -0.76 -19.30
N HIS A 128 28.40 -0.58 -18.94
CA HIS A 128 27.94 -0.81 -17.58
C HIS A 128 26.83 -1.82 -17.53
N GLU A 129 27.03 -2.89 -16.77
CA GLU A 129 26.02 -3.94 -16.63
C GLU A 129 25.69 -4.07 -15.15
N SER A 130 24.39 -4.07 -14.81
CA SER A 130 24.06 -4.17 -13.40
C SER A 130 22.87 -5.05 -13.12
N THR A 131 22.75 -5.43 -11.85
CA THR A 131 21.63 -6.26 -11.39
C THR A 131 21.06 -5.56 -10.17
N PHE A 132 19.77 -5.47 -9.98
CA PHE A 132 19.19 -4.78 -8.80
C PHE A 132 18.05 -5.63 -8.26
N TYR A 133 18.10 -5.93 -6.97
CA TYR A 133 17.06 -6.74 -6.35
C TYR A 133 16.58 -6.07 -5.09
N GLY A 134 15.27 -6.07 -4.84
CA GLY A 134 14.81 -5.44 -3.61
C GLY A 134 13.61 -6.21 -3.07
N VAL A 135 13.40 -6.11 -1.76
CA VAL A 135 12.30 -6.76 -1.10
C VAL A 135 11.80 -5.88 0.06
N ASN A 136 10.54 -6.14 0.32
CA ASN A 136 9.69 -5.62 1.41
C ASN A 136 9.50 -4.11 1.48
N PHE A 137 9.10 -3.57 0.31
CA PHE A 137 8.74 -2.17 0.32
C PHE A 137 7.27 -2.18 0.79
N PRO A 138 6.89 -1.49 1.86
CA PRO A 138 5.48 -1.49 2.30
C PRO A 138 4.55 -0.88 1.27
N ALA A 139 3.36 -1.48 1.16
CA ALA A 139 2.40 -0.95 0.19
C ALA A 139 2.05 0.51 0.45
N ASP A 140 2.08 0.93 1.73
CA ASP A 140 1.75 2.31 2.05
C ASP A 140 2.98 3.20 2.19
N GLY A 141 4.15 2.69 1.83
CA GLY A 141 5.38 3.47 1.94
C GLY A 141 5.59 4.42 0.78
N PRO A 142 6.56 5.35 0.90
CA PRO A 142 6.81 6.32 -0.18
C PRO A 142 7.29 5.74 -1.50
N VAL A 143 7.91 4.57 -1.51
CA VAL A 143 8.38 4.00 -2.77
C VAL A 143 7.21 3.44 -3.56
N MET A 144 6.29 2.73 -2.91
CA MET A 144 5.13 2.16 -3.63
C MET A 144 4.09 3.23 -3.92
N LYS A 145 4.06 4.32 -3.15
CA LYS A 145 3.11 5.40 -3.39
C LYS A 145 3.74 6.45 -4.33
N LYS A 146 4.98 6.23 -4.76
CA LYS A 146 5.71 7.12 -5.66
C LYS A 146 5.70 8.57 -5.17
N MET A 147 6.09 8.67 -3.91
CA MET A 147 6.25 9.94 -3.23
CA MET A 147 6.26 9.92 -3.22
C MET A 147 7.64 10.54 -3.24
N THR A 148 8.56 9.89 -3.91
CA THR A 148 9.94 10.43 -3.93
C THR A 148 10.22 11.31 -5.12
N THR A 149 11.19 12.22 -4.90
CA THR A 149 11.54 13.11 -6.00
C THR A 149 13.01 13.05 -6.36
N ASN A 150 13.91 12.95 -5.39
CA ASN A 150 15.32 12.91 -5.66
C ASN A 150 16.12 12.60 -4.41
N TRP A 151 17.35 12.14 -4.58
CA TRP A 151 18.22 11.90 -3.46
C TRP A 151 18.85 13.25 -3.09
N GLU A 152 19.07 13.48 -1.81
CA GLU A 152 19.69 14.70 -1.34
C GLU A 152 21.21 14.60 -1.54
N PRO A 153 21.93 15.71 -1.78
CA PRO A 153 23.40 15.64 -1.94
C PRO A 153 23.98 14.97 -0.68
N SER A 154 25.04 14.19 -0.89
CA SER A 154 25.66 13.46 0.20
C SER A 154 27.16 13.52 0.28
N CYS A 155 27.67 12.90 1.34
CA CYS A 155 29.11 12.83 1.56
C CYS A 155 29.40 11.39 1.97
N GLU A 156 30.01 10.64 1.05
CA GLU A 156 30.36 9.25 1.30
C GLU A 156 31.77 9.10 1.80
N LYS A 157 31.96 8.23 2.81
CA LYS A 157 33.32 7.98 3.29
C LYS A 157 33.84 6.73 2.55
N ILE A 158 35.04 6.80 1.98
CA ILE A 158 35.69 5.71 1.24
C ILE A 158 36.87 5.22 2.09
N ILE A 159 36.90 3.93 2.41
CA ILE A 159 37.97 3.39 3.26
C ILE A 159 38.70 2.27 2.60
N PRO A 160 40.04 2.27 2.67
CA PRO A 160 40.76 1.19 2.04
C PRO A 160 40.84 -0.07 2.91
N ILE A 161 40.82 -1.21 2.24
CA ILE A 161 40.99 -2.47 2.85
C ILE A 161 42.27 -2.95 2.24
N ASN A 162 43.38 -2.55 2.85
CA ASN A 162 44.65 -2.89 2.23
C ASN A 162 44.96 -4.37 2.09
N SER A 163 44.51 -5.19 3.03
CA SER A 163 44.84 -6.61 2.87
C SER A 163 44.16 -7.28 1.68
N GLN A 164 43.11 -6.70 1.12
CA GLN A 164 42.44 -7.31 -0.03
C GLN A 164 42.53 -6.40 -1.26
N LYS A 165 43.10 -5.22 -1.08
CA LYS A 165 43.23 -4.24 -2.16
C LYS A 165 41.87 -3.86 -2.76
N ILE A 166 40.91 -3.64 -1.86
CA ILE A 166 39.57 -3.21 -2.24
C ILE A 166 39.16 -2.00 -1.42
N LEU A 167 38.06 -1.35 -1.76
CA LEU A 167 37.61 -0.18 -0.97
C LEU A 167 36.23 -0.41 -0.39
N LYS A 168 35.93 0.24 0.72
CA LYS A 168 34.62 0.11 1.32
C LYS A 168 33.98 1.50 1.27
N GLY A 169 32.70 1.65 0.97
CA GLY A 169 32.05 2.95 0.95
C GLY A 169 30.94 2.90 2.00
N ASP A 170 30.72 4.00 2.69
CA ASP A 170 29.72 4.19 3.73
C ASP A 170 29.02 5.51 3.52
N VAL A 171 27.72 5.53 3.21
CA VAL A 171 27.03 6.82 3.03
C VAL A 171 25.56 6.67 3.49
N SER A 172 25.17 7.61 4.37
CA SER A 172 23.80 7.65 4.88
C SER A 172 23.05 8.51 3.87
N MET A 173 22.12 7.91 3.12
CA MET A 173 21.38 8.60 2.09
C MET A 173 19.96 8.98 2.44
N TYR A 174 19.44 10.04 1.78
CA TYR A 174 18.08 10.48 2.05
C TYR A 174 17.35 10.76 0.76
N LEU A 175 16.18 10.14 0.59
CA LEU A 175 15.36 10.34 -0.60
C LEU A 175 14.37 11.43 -0.17
N LEU A 176 14.25 12.52 -0.92
CA LEU A 176 13.33 13.61 -0.57
C LEU A 176 11.94 13.26 -1.06
N LEU A 177 10.96 13.63 -0.25
CA LEU A 177 9.56 13.32 -0.59
C LEU A 177 8.75 14.54 -1.00
N LYS A 178 7.72 14.25 -1.79
CA LYS A 178 6.84 15.28 -2.32
C LYS A 178 6.11 16.09 -1.28
N ASP A 179 5.91 15.54 -0.10
CA ASP A 179 5.23 16.29 0.96
C ASP A 179 6.25 17.05 1.82
N GLY A 180 7.53 17.09 1.45
CA GLY A 180 8.53 17.79 2.24
C GLY A 180 9.26 16.85 3.18
N GLY A 181 8.89 15.56 3.23
CA GLY A 181 9.57 14.66 4.14
C GLY A 181 10.88 14.10 3.57
N ARG A 182 11.46 13.14 4.27
CA ARG A 182 12.70 12.47 3.89
C ARG A 182 12.59 11.01 4.30
N TYR A 183 13.29 10.20 3.53
CA TYR A 183 13.31 8.71 3.70
C TYR A 183 14.73 8.23 3.66
N ARG A 184 15.23 7.72 4.76
CA ARG A 184 16.63 7.28 4.88
C ARG A 184 17.00 5.87 4.42
N CYS A 185 18.21 5.80 3.85
CA CYS A 185 18.81 4.59 3.32
C CYS A 185 20.29 4.56 3.69
N GLN A 186 20.75 3.43 4.18
CA GLN A 186 22.16 3.31 4.49
C GLN A 186 22.82 2.53 3.34
N PHE A 187 23.80 3.06 2.62
CA PHE A 187 24.49 2.39 1.53
C PHE A 187 25.83 1.86 2.05
N ASP A 188 26.05 0.56 1.92
CA ASP A 188 27.29 -0.12 2.33
C ASP A 188 27.80 -0.71 1.02
N THR A 189 28.97 -0.35 0.54
CA THR A 189 29.44 -0.86 -0.73
C THR A 189 30.87 -1.38 -0.69
N ILE A 190 31.15 -2.34 -1.56
CA ILE A 190 32.50 -2.86 -1.65
C ILE A 190 32.90 -2.55 -3.12
N TYR A 191 34.04 -1.92 -3.37
CA TYR A 191 34.53 -1.56 -4.71
C TYR A 191 35.76 -2.42 -4.99
N LYS A 192 35.76 -3.12 -6.13
CA LYS A 192 36.86 -3.99 -6.46
C LYS A 192 37.42 -3.81 -7.85
N ALA A 193 38.69 -3.41 -7.94
CA ALA A 193 39.33 -3.28 -9.24
C ALA A 193 39.45 -4.64 -9.90
N LYS A 194 39.43 -4.67 -11.25
CA LYS A 194 39.58 -5.92 -11.97
C LYS A 194 41.07 -6.25 -12.12
N THR A 195 41.89 -5.21 -12.14
CA THR A 195 43.35 -5.26 -12.29
C THR A 195 43.97 -5.16 -10.91
N GLU A 196 44.95 -5.95 -10.49
CA GLU A 196 45.50 -5.75 -9.14
C GLU A 196 46.04 -4.34 -8.98
N PRO A 197 45.60 -3.57 -7.99
CA PRO A 197 46.09 -2.19 -7.77
C PRO A 197 47.58 -2.16 -7.40
N LYS A 198 48.30 -1.16 -7.92
CA LYS A 198 49.72 -1.03 -7.63
C LYS A 198 49.92 0.02 -6.53
N GLU A 199 48.81 0.68 -6.21
CA GLU A 199 48.73 1.72 -5.19
C GLU A 199 47.33 1.74 -4.57
N MET A 200 47.29 2.08 -3.27
CA MET A 200 45.98 2.14 -2.65
C MET A 200 45.77 3.52 -2.05
N PRO A 201 44.55 4.06 -2.14
CA PRO A 201 44.38 5.36 -1.54
C PRO A 201 44.23 5.25 -0.02
N ASP A 202 44.37 6.42 0.60
CA ASP A 202 44.15 6.57 2.00
C ASP A 202 42.65 6.83 2.07
N TRP A 203 42.04 6.85 3.25
CA TRP A 203 40.61 7.12 3.33
C TRP A 203 40.32 8.50 2.73
N HIS A 204 39.09 8.74 2.28
CA HIS A 204 38.76 10.04 1.76
C HIS A 204 37.24 10.13 1.68
N PHE A 205 36.77 11.29 1.26
CA PHE A 205 35.35 11.46 1.09
C PHE A 205 35.07 11.61 -0.41
N ILE A 206 33.83 11.33 -0.78
CA ILE A 206 33.36 11.54 -2.14
C ILE A 206 32.01 12.26 -1.92
N GLN A 207 31.90 13.50 -2.41
CA GLN A 207 30.64 14.23 -2.29
C GLN A 207 29.91 13.97 -3.61
N HIS A 208 28.57 13.82 -3.54
CA HIS A 208 27.78 13.57 -4.72
C HIS A 208 26.49 14.36 -4.80
N LYS A 209 26.10 14.63 -6.05
CA LYS A 209 24.87 15.32 -6.40
C LYS A 209 24.25 14.43 -7.46
N LEU A 210 23.04 13.95 -7.32
CA LEU A 210 22.39 13.07 -8.30
C LEU A 210 20.96 13.55 -8.48
N ASN A 211 20.61 13.83 -9.74
CA ASN A 211 19.28 14.32 -10.03
C ASN A 211 18.59 13.54 -11.12
N ARG A 212 17.27 13.42 -10.91
CA ARG A 212 16.44 12.72 -11.88
C ARG A 212 15.43 13.64 -12.55
N GLU A 213 15.24 13.50 -13.86
CA GLU A 213 14.26 14.29 -14.60
C GLU A 213 13.44 13.27 -15.41
N ASP A 214 12.13 13.20 -15.08
CA ASP A 214 11.29 12.24 -15.82
C ASP A 214 11.12 12.69 -17.27
N ARG A 215 11.15 11.70 -18.15
CA ARG A 215 10.99 12.02 -19.57
C ARG A 215 10.07 11.00 -20.22
N SER A 216 9.18 10.44 -19.39
CA SER A 216 8.26 9.44 -19.92
C SER A 216 7.23 9.99 -20.88
N ASP A 217 6.69 9.05 -21.68
CA ASP A 217 5.68 9.51 -22.63
C ASP A 217 4.64 8.40 -22.71
N ALA A 218 3.63 8.54 -23.56
CA ALA A 218 2.60 7.53 -23.69
C ALA A 218 3.14 6.18 -24.13
N LYS A 219 4.34 6.10 -24.68
CA LYS A 219 4.88 4.82 -25.11
C LYS A 219 5.92 4.18 -24.24
N ASN A 220 6.73 5.01 -23.57
CA ASN A 220 7.77 4.45 -22.73
C ASN A 220 8.01 5.19 -21.43
N GLN A 221 8.48 4.46 -20.43
CA GLN A 221 8.85 5.00 -19.15
C GLN A 221 10.33 5.28 -19.29
N LYS A 222 10.77 6.51 -19.22
CA LYS A 222 12.13 6.94 -19.40
C LYS A 222 12.51 8.16 -18.59
N TRP A 223 13.81 8.24 -18.28
CA TRP A 223 14.23 9.39 -17.50
C TRP A 223 15.72 9.66 -17.71
N GLN A 224 16.13 10.81 -17.21
CA GLN A 224 17.54 11.22 -17.30
C GLN A 224 18.11 11.38 -15.89
N LEU A 225 19.32 10.91 -15.67
CA LEU A 225 19.96 11.08 -14.38
C LEU A 225 21.21 11.95 -14.68
N ILE A 226 21.52 12.86 -13.77
CA ILE A 226 22.72 13.70 -13.91
C ILE A 226 23.49 13.53 -12.60
N GLU A 227 24.76 13.14 -12.66
CA GLU A 227 25.53 12.98 -11.43
C GLU A 227 26.78 13.81 -11.49
N HIS A 228 27.20 14.37 -10.37
CA HIS A 228 28.42 15.16 -10.27
C HIS A 228 29.09 14.64 -9.00
N ALA A 229 30.35 14.23 -9.02
CA ALA A 229 30.99 13.72 -7.81
C ALA A 229 32.43 14.20 -7.73
N ILE A 230 32.88 14.53 -6.52
CA ILE A 230 34.24 15.01 -6.31
CA ILE A 230 34.25 14.99 -6.33
C ILE A 230 34.82 14.40 -5.04
N ALA A 231 36.08 13.95 -5.08
CA ALA A 231 36.73 13.35 -3.94
C ALA A 231 37.53 14.43 -3.16
N SER A 232 37.60 14.29 -1.86
CA SER A 232 38.31 15.23 -1.02
C SER A 232 38.75 14.60 0.30
N ARG A 233 39.59 15.35 1.03
CA ARG A 233 40.06 14.94 2.34
C ARG A 233 39.34 15.84 3.33
N SER A 234 39.72 15.81 4.61
CA SER A 234 38.97 16.69 5.53
C SER A 234 39.11 18.17 5.21
N ALA A 235 38.04 18.94 5.44
CA ALA A 235 38.11 20.37 5.19
C ALA A 235 38.87 21.08 6.30
N LEU A 236 39.08 20.43 7.44
CA LEU A 236 39.79 21.03 8.59
C LEU A 236 41.27 20.91 8.43
N PRO A 237 42.01 21.97 8.72
CA PRO A 237 43.47 21.89 8.57
C PRO A 237 44.12 20.88 9.50
N SER B 12 5.71 34.78 -2.51
CA SER B 12 6.82 34.40 -1.63
C SER B 12 6.49 34.75 -0.19
N ALA B 13 5.31 34.28 0.19
CA ALA B 13 4.78 34.50 1.53
C ALA B 13 4.08 33.23 1.99
N HIS B 14 4.25 32.90 3.27
CA HIS B 14 3.59 31.69 3.77
C HIS B 14 4.11 30.42 3.12
N GLY B 15 5.31 30.56 2.54
CA GLY B 15 5.91 29.40 1.89
C GLY B 15 5.40 29.21 0.49
N LEU B 16 4.62 30.18 0.00
CA LEU B 16 4.08 30.06 -1.35
C LEU B 16 4.72 31.03 -2.33
N THR B 17 4.61 30.73 -3.61
CA THR B 17 5.14 31.57 -4.68
C THR B 17 4.01 31.69 -5.73
N ASP B 18 4.20 32.57 -6.71
CA ASP B 18 3.14 32.73 -7.72
C ASP B 18 3.28 31.73 -8.86
N ASP B 19 4.16 30.74 -8.69
CA ASP B 19 4.36 29.73 -9.73
C ASP B 19 4.80 28.45 -9.03
N MET B 20 3.82 27.61 -8.73
CA MET B 20 4.09 26.36 -8.05
C MET B 20 3.62 25.12 -8.79
N THR B 21 4.13 23.98 -8.33
CA THR B 21 3.70 22.72 -8.96
C THR B 21 2.95 21.97 -7.86
N MET B 22 2.21 20.93 -8.19
CA MET B 22 1.45 20.12 -7.27
C MET B 22 1.56 18.64 -7.64
N HIS B 23 1.36 17.81 -6.60
CA HIS B 23 1.39 16.37 -6.67
C HIS B 23 0.11 15.88 -5.99
N PHE B 24 -0.62 14.99 -6.67
CA PHE B 24 -1.83 14.43 -6.17
C PHE B 24 -1.88 12.92 -6.12
N ARG B 25 -2.64 12.47 -5.13
CA ARG B 25 -2.87 11.05 -4.91
CA ARG B 25 -2.87 11.04 -4.91
C ARG B 25 -4.28 10.96 -4.31
N MET B 26 -5.15 10.19 -4.96
CA MET B 26 -6.52 10.00 -4.52
C MET B 26 -6.78 8.48 -4.48
N GLU B 27 -7.39 8.03 -3.41
CA GLU B 27 -7.76 6.62 -3.27
C GLU B 27 -9.28 6.70 -3.05
N GLY B 28 -10.09 5.80 -3.63
CA GLY B 28 -11.53 5.93 -3.41
C GLY B 28 -12.27 4.68 -3.82
N CYS B 29 -13.57 4.75 -3.58
CA CYS B 29 -14.44 3.63 -3.91
C CYS B 29 -15.86 4.14 -4.08
N VAL B 30 -16.51 3.83 -5.19
CA VAL B 30 -17.87 4.28 -5.46
C VAL B 30 -18.69 3.02 -5.77
N ASP B 31 -19.70 2.77 -4.94
CA ASP B 31 -20.57 1.60 -5.09
C ASP B 31 -19.79 0.32 -5.26
N GLY B 32 -18.72 0.19 -4.48
CA GLY B 32 -17.88 -1.01 -4.51
C GLY B 32 -16.77 -1.02 -5.53
N HIS B 33 -16.71 -0.01 -6.40
CA HIS B 33 -15.66 0.03 -7.41
C HIS B 33 -14.48 0.82 -6.87
N LYS B 34 -13.37 0.16 -6.58
CA LYS B 34 -12.19 0.84 -6.04
C LYS B 34 -11.32 1.45 -7.13
N PHE B 35 -10.65 2.56 -6.79
CA PHE B 35 -9.78 3.17 -7.78
C PHE B 35 -8.69 3.99 -7.10
N VAL B 36 -7.66 4.29 -7.87
CA VAL B 36 -6.55 5.11 -7.39
C VAL B 36 -6.24 6.06 -8.55
N ILE B 37 -6.05 7.33 -8.23
CA ILE B 37 -5.72 8.37 -9.19
C ILE B 37 -4.46 9.08 -8.73
N GLU B 38 -3.57 9.31 -9.67
CA GLU B 38 -2.33 10.03 -9.45
C GLU B 38 -2.34 11.27 -10.31
N GLY B 39 -1.61 12.31 -9.91
CA GLY B 39 -1.62 13.46 -10.83
C GLY B 39 -0.58 14.47 -10.41
N ASN B 40 -0.47 15.50 -11.25
CA ASN B 40 0.46 16.58 -11.04
C ASN B 40 -0.21 17.85 -11.60
N GLY B 41 0.37 19.01 -11.31
CA GLY B 41 -0.29 20.20 -11.85
C GLY B 41 0.57 21.41 -11.62
N ASN B 42 0.01 22.56 -11.99
CA ASN B 42 0.80 23.78 -11.77
C ASN B 42 -0.18 24.94 -11.61
N GLY B 43 0.28 26.01 -10.96
CA GLY B 43 -0.69 27.11 -10.84
C GLY B 43 -0.12 28.27 -10.05
N ASN B 44 -0.96 29.29 -9.96
CA ASN B 44 -0.60 30.51 -9.24
C ASN B 44 -1.61 30.69 -8.09
N PRO B 45 -1.26 30.37 -6.87
CA PRO B 45 -2.23 30.53 -5.78
C PRO B 45 -2.76 31.95 -5.59
N PHE B 46 -1.88 32.92 -5.87
CA PHE B 46 -2.25 34.32 -5.71
C PHE B 46 -3.26 34.81 -6.73
N LYS B 47 -3.45 34.03 -7.81
CA LYS B 47 -4.41 34.40 -8.85
C LYS B 47 -5.56 33.40 -8.86
N GLY B 48 -5.54 32.46 -7.89
CA GLY B 48 -6.57 31.45 -7.75
C GLY B 48 -6.78 30.62 -8.99
N LYS B 49 -5.66 30.30 -9.68
CA LYS B 49 -5.70 29.53 -10.90
C LYS B 49 -4.78 28.34 -10.89
N GLN B 50 -5.36 27.19 -11.26
CA GLN B 50 -4.54 25.99 -11.30
C GLN B 50 -4.96 25.07 -12.46
N PHE B 51 -4.00 24.29 -12.89
CA PHE B 51 -4.08 23.30 -13.96
C PHE B 51 -3.74 21.96 -13.31
N ILE B 52 -4.62 20.99 -13.38
CA ILE B 52 -4.40 19.68 -12.78
C ILE B 52 -4.51 18.54 -13.80
N ASN B 53 -3.48 17.72 -13.88
CA ASN B 53 -3.41 16.58 -14.80
C ASN B 53 -3.59 15.29 -14.03
N LEU B 54 -4.66 14.55 -14.23
CA LEU B 54 -4.96 13.33 -13.51
C LEU B 54 -4.97 12.07 -14.37
N CYS B 55 -4.60 10.98 -13.71
CA CYS B 55 -4.53 9.68 -14.38
C CYS B 55 -5.05 8.58 -13.47
N VAL B 56 -5.94 7.73 -13.98
CA VAL B 56 -6.48 6.63 -13.18
C VAL B 56 -5.44 5.52 -13.27
N ILE B 57 -4.79 5.26 -12.14
CA ILE B 57 -3.77 4.19 -12.20
C ILE B 57 -4.26 2.84 -11.73
N GLU B 58 -5.37 2.78 -11.02
CA GLU B 58 -5.96 1.52 -10.53
C GLU B 58 -7.47 1.67 -10.71
N GLY B 59 -8.17 0.65 -11.22
CA GLY B 59 -9.60 0.78 -11.39
C GLY B 59 -10.16 1.45 -12.61
N GLY B 60 -9.31 1.77 -13.60
CA GLY B 60 -9.72 2.39 -14.83
C GLY B 60 -10.09 1.37 -15.91
N PRO B 61 -11.01 1.68 -16.82
CA PRO B 61 -11.73 2.94 -16.85
C PRO B 61 -12.81 2.96 -15.77
N LEU B 62 -13.08 4.14 -15.21
CA LEU B 62 -14.09 4.22 -14.17
C LEU B 62 -15.49 4.01 -14.73
N PRO B 63 -16.34 3.27 -14.01
CA PRO B 63 -17.69 3.04 -14.51
C PRO B 63 -18.64 4.20 -14.26
N PHE B 64 -18.19 5.15 -13.43
CA PHE B 64 -18.98 6.34 -13.10
C PHE B 64 -18.35 7.57 -13.73
N SER B 65 -19.16 8.61 -13.98
CA SER B 65 -18.60 9.82 -14.57
C SER B 65 -17.53 10.42 -13.68
N GLU B 66 -16.37 10.70 -14.25
CA GLU B 66 -15.32 11.28 -13.39
C GLU B 66 -15.65 12.70 -12.95
N ASP B 67 -16.69 13.33 -13.50
CA ASP B 67 -17.00 14.69 -13.04
C ASP B 67 -17.35 14.73 -11.56
N ILE B 68 -17.83 13.61 -11.00
CA ILE B 68 -18.17 13.71 -9.57
C ILE B 68 -16.98 13.92 -8.68
N LEU B 69 -15.77 13.62 -9.14
CA LEU B 69 -14.56 13.78 -8.37
C LEU B 69 -13.86 15.12 -8.50
N SER B 70 -14.24 15.91 -9.50
CA SER B 70 -13.51 17.18 -9.78
C SER B 70 -13.27 18.13 -8.60
N ALA B 71 -14.23 18.39 -7.74
CA ALA B 71 -13.98 19.38 -6.67
C ALA B 71 -13.14 18.83 -5.54
N ALA B 72 -12.58 17.63 -5.71
CA ALA B 72 -11.74 17.10 -4.64
C ALA B 72 -10.29 17.53 -4.86
N PHE B 73 -9.95 18.09 -6.01
CA PHE B 73 -8.58 18.50 -6.30
C PHE B 73 -8.19 19.95 -6.19
N1 XYG B 74 -8.97 21.00 -6.27
CB1 XYG B 74 -10.56 21.40 -8.08
CA1 XYG B 74 -10.22 21.31 -6.58
C1 XYG B 74 -11.13 21.76 -5.67
N2 XYG B 74 -12.25 22.37 -6.03
OH XYG B 74 -17.92 25.30 -8.37
CD2 XYG B 74 -16.30 24.42 -5.25
CE2 XYG B 74 -17.25 24.91 -6.14
CZ XYG B 74 -16.99 24.82 -7.48
CE1 XYG B 74 -15.82 24.22 -7.96
CD1 XYG B 74 -14.86 23.74 -7.08
CG2 XYG B 74 -15.09 23.84 -5.69
CB2 XYG B 74 -14.14 23.37 -4.70
CA2 XYG B 74 -12.95 22.75 -4.89
C2 XYG B 74 -12.20 22.27 -3.70
O2 XYG B 74 -12.45 22.34 -2.48
N3 XYG B 74 -11.11 21.64 -4.27
CA3 XYG B 74 -10.18 20.89 -3.47
C3 XYG B 74 -8.92 21.40 -2.87
O3 XYG B 74 -8.31 20.67 -2.10
N ASN B 75 -8.59 22.63 -3.27
CA ASN B 75 -7.36 23.21 -2.73
C ASN B 75 -7.56 24.72 -2.69
N ARG B 76 -8.07 25.19 -1.56
CA ARG B 76 -8.35 26.61 -1.41
C ARG B 76 -7.16 27.53 -1.33
N LEU B 77 -5.93 27.01 -1.40
CA LEU B 77 -4.77 27.87 -1.43
C LEU B 77 -4.92 28.56 -2.80
N PHE B 78 -5.53 27.89 -3.78
CA PHE B 78 -5.75 28.45 -5.11
C PHE B 78 -7.06 29.24 -5.17
N THR B 79 -7.06 30.38 -4.49
CA THR B 79 -8.20 31.29 -4.41
C THR B 79 -7.63 32.71 -4.44
N GLU B 80 -8.13 33.59 -5.27
CA GLU B 80 -7.54 34.94 -5.22
C GLU B 80 -8.30 35.68 -4.11
N TYR B 81 -7.57 36.06 -3.05
CA TYR B 81 -8.22 36.77 -1.96
C TYR B 81 -7.87 38.24 -2.01
N PRO B 82 -8.86 39.12 -2.06
CA PRO B 82 -8.55 40.56 -2.10
C PRO B 82 -8.06 40.97 -0.70
N GLU B 83 -7.34 42.09 -0.69
CA GLU B 83 -6.76 42.65 0.51
C GLU B 83 -7.68 42.62 1.73
N GLY B 84 -8.90 43.10 1.57
CA GLY B 84 -9.83 43.18 2.68
C GLY B 84 -10.56 41.97 3.18
N ILE B 85 -10.22 40.77 2.71
CA ILE B 85 -10.91 39.57 3.19
C ILE B 85 -9.79 38.69 3.75
N VAL B 86 -9.86 38.26 5.01
CA VAL B 86 -8.79 37.42 5.57
C VAL B 86 -8.62 36.13 4.78
N ASP B 87 -7.41 35.73 4.42
CA ASP B 87 -7.17 34.50 3.66
C ASP B 87 -6.77 33.39 4.65
N TYR B 88 -7.76 32.70 5.18
CA TYR B 88 -7.59 31.63 6.13
C TYR B 88 -6.70 30.52 5.62
N PHE B 89 -6.82 30.27 4.33
CA PHE B 89 -6.04 29.20 3.75
C PHE B 89 -4.56 29.49 3.61
N LYS B 90 -4.20 30.62 3.00
CA LYS B 90 -2.78 30.92 2.86
C LYS B 90 -2.19 31.17 4.25
N ASN B 91 -3.00 31.69 5.18
CA ASN B 91 -2.46 31.94 6.52
C ASN B 91 -2.04 30.65 7.23
N SER B 92 -2.63 29.54 6.81
CA SER B 92 -2.30 28.27 7.44
CA SER B 92 -2.34 28.23 7.40
C SER B 92 -1.13 27.56 6.77
N CYS B 93 -0.51 28.25 5.82
CA CYS B 93 0.66 27.66 5.14
C CYS B 93 1.96 28.12 5.77
N PRO B 94 3.06 27.40 5.61
CA PRO B 94 3.19 26.16 4.87
C PRO B 94 2.67 24.87 5.47
N ALA B 95 2.18 24.81 6.71
CA ALA B 95 1.70 23.50 7.18
C ALA B 95 0.57 22.97 6.31
N GLY B 96 -0.36 23.85 5.93
CA GLY B 96 -1.48 23.48 5.11
C GLY B 96 -2.80 23.40 5.86
N TYR B 97 -3.76 22.69 5.27
CA TYR B 97 -5.07 22.57 5.90
C TYR B 97 -5.73 21.28 5.49
N THR B 98 -6.83 20.92 6.13
CA THR B 98 -7.51 19.68 5.77
C THR B 98 -8.98 20.06 5.53
N TRP B 99 -9.71 19.19 4.82
CA TRP B 99 -11.11 19.54 4.62
C TRP B 99 -11.94 18.27 4.49
N HIS B 100 -13.24 18.37 4.80
CA HIS B 100 -14.16 17.26 4.73
C HIS B 100 -15.46 17.74 4.12
N ARG B 101 -15.92 17.03 3.07
CA ARG B 101 -17.12 17.44 2.43
C ARG B 101 -18.12 16.34 2.17
N SER B 102 -19.40 16.68 2.15
CA SER B 102 -20.41 15.69 1.81
C SER B 102 -20.99 16.24 0.47
N PHE B 103 -21.35 15.35 -0.42
CA PHE B 103 -21.92 15.58 -1.75
C PHE B 103 -23.30 14.91 -1.77
N ARG B 104 -24.39 15.66 -1.79
CA ARG B 104 -25.73 15.04 -1.80
C ARG B 104 -26.39 15.30 -3.15
N PHE B 105 -26.54 14.29 -4.00
CA PHE B 105 -27.13 14.50 -5.34
C PHE B 105 -28.64 14.40 -5.29
N GLU B 106 -29.32 15.11 -6.18
CA GLU B 106 -30.79 15.07 -6.16
C GLU B 106 -31.42 13.70 -6.35
N ASP B 107 -30.69 12.72 -6.89
CA ASP B 107 -31.28 11.40 -7.08
C ASP B 107 -30.90 10.42 -5.98
N GLY B 108 -30.47 10.97 -4.83
CA GLY B 108 -30.14 10.13 -3.71
C GLY B 108 -28.73 9.67 -3.53
N ALA B 109 -27.92 9.80 -4.56
CA ALA B 109 -26.53 9.37 -4.43
C ALA B 109 -25.85 10.26 -3.39
N VAL B 110 -24.91 9.71 -2.63
CA VAL B 110 -24.22 10.50 -1.64
C VAL B 110 -22.73 10.19 -1.74
N CYS B 111 -21.93 11.25 -1.70
CA CYS B 111 -20.49 11.10 -1.75
C CYS B 111 -19.89 11.88 -0.57
N ILE B 112 -18.70 11.42 -0.18
CA ILE B 112 -18.00 12.12 0.90
C ILE B 112 -16.54 12.13 0.44
N CYS B 113 -15.84 13.23 0.74
CA CYS B 113 -14.44 13.31 0.34
CA CYS B 113 -14.44 13.30 0.33
C CYS B 113 -13.70 14.10 1.41
N SER B 114 -12.44 13.80 1.58
CA SER B 114 -11.59 14.47 2.56
C SER B 114 -10.22 14.66 1.92
N ALA B 115 -9.55 15.73 2.26
CA ALA B 115 -8.22 15.92 1.68
C ALA B 115 -7.31 16.57 2.73
N ASP B 116 -6.01 16.42 2.46
CA ASP B 116 -4.97 16.98 3.32
C ASP B 116 -4.02 17.73 2.39
N ILE B 117 -3.82 19.03 2.59
CA ILE B 117 -2.93 19.83 1.72
C ILE B 117 -1.71 20.19 2.53
N THR B 118 -0.52 19.96 1.97
CA THR B 118 0.73 20.26 2.62
C THR B 118 1.61 21.07 1.69
N VAL B 119 2.29 22.11 2.17
CA VAL B 119 3.16 22.87 1.28
C VAL B 119 4.58 22.35 1.54
N ASN B 120 5.29 22.03 0.48
CA ASN B 120 6.67 21.55 0.51
C ASN B 120 7.49 22.75 0.05
N VAL B 121 7.90 23.64 0.96
CA VAL B 121 8.66 24.83 0.61
C VAL B 121 10.00 24.50 -0.06
N ARG B 122 10.63 23.43 0.40
CA ARG B 122 11.91 23.01 -0.15
C ARG B 122 11.88 22.82 -1.66
N GLU B 123 10.80 22.26 -2.18
CA GLU B 123 10.63 22.00 -3.61
C GLU B 123 9.63 22.92 -4.28
N ASN B 124 9.12 23.92 -3.55
CA ASN B 124 8.15 24.90 -4.01
C ASN B 124 6.97 24.18 -4.63
N CYS B 125 6.44 23.20 -3.89
CA CYS B 125 5.31 22.46 -4.43
C CYS B 125 4.31 22.14 -3.34
N ILE B 126 3.15 21.65 -3.78
CA ILE B 126 2.07 21.30 -2.86
CA ILE B 126 2.05 21.30 -2.95
C ILE B 126 1.77 19.81 -3.04
N TYR B 127 1.59 19.14 -1.91
CA TYR B 127 1.30 17.71 -1.90
C TYR B 127 -0.18 17.63 -1.49
N HIS B 128 -1.02 16.98 -2.29
CA HIS B 128 -2.47 16.85 -2.02
C HIS B 128 -2.85 15.38 -2.00
N GLU B 129 -3.37 14.93 -0.87
CA GLU B 129 -3.79 13.57 -0.67
C GLU B 129 -5.26 13.53 -0.32
N SER B 130 -6.03 12.72 -1.04
CA SER B 130 -7.46 12.69 -0.76
C SER B 130 -8.06 11.30 -0.83
N THR B 131 -9.29 11.21 -0.37
CA THR B 131 -10.04 9.95 -0.38
C THR B 131 -11.42 10.33 -0.86
N PHE B 132 -12.07 9.49 -1.63
CA PHE B 132 -13.40 9.79 -2.14
C PHE B 132 -14.21 8.52 -2.13
N TYR B 133 -15.35 8.60 -1.45
CA TYR B 133 -16.24 7.46 -1.38
C TYR B 133 -17.64 7.89 -1.78
N GLY B 134 -18.35 7.00 -2.47
CA GLY B 134 -19.71 7.33 -2.86
C GLY B 134 -20.60 6.10 -2.92
N VAL B 135 -21.90 6.34 -2.76
CA VAL B 135 -22.84 5.25 -2.81
C VAL B 135 -24.16 5.69 -3.48
N ASN B 136 -24.84 4.70 -4.00
CA ASN B 136 -26.18 4.71 -4.60
C ASN B 136 -26.47 5.67 -5.77
N PHE B 137 -25.61 5.59 -6.76
CA PHE B 137 -25.79 6.31 -8.01
C PHE B 137 -26.73 5.38 -8.78
N PRO B 138 -27.92 5.83 -9.17
CA PRO B 138 -28.83 4.91 -9.90
C PRO B 138 -28.26 4.45 -11.22
N ALA B 139 -28.57 3.18 -11.53
CA ALA B 139 -28.03 2.69 -12.80
C ALA B 139 -28.58 3.52 -13.97
N ASP B 140 -29.77 4.12 -13.86
CA ASP B 140 -30.26 4.91 -14.98
C ASP B 140 -30.10 6.40 -14.80
N GLY B 141 -29.21 6.80 -13.90
CA GLY B 141 -28.86 8.16 -13.56
C GLY B 141 -27.77 8.68 -14.50
N PRO B 142 -27.60 10.00 -14.57
CA PRO B 142 -26.60 10.56 -15.48
C PRO B 142 -25.16 10.17 -15.18
N VAL B 143 -24.83 9.91 -13.92
CA VAL B 143 -23.45 9.53 -13.59
C VAL B 143 -23.09 8.16 -14.11
N MET B 144 -24.01 7.19 -14.01
CA MET B 144 -23.65 5.85 -14.53
C MET B 144 -23.92 5.73 -16.02
N LYS B 145 -24.73 6.63 -16.58
CA LYS B 145 -25.06 6.63 -18.01
C LYS B 145 -24.06 7.53 -18.75
N LYS B 146 -23.06 8.08 -18.05
CA LYS B 146 -22.03 8.95 -18.63
C LYS B 146 -22.60 10.09 -19.47
N MET B 147 -23.59 10.78 -18.94
CA MET B 147 -24.26 11.91 -19.60
C MET B 147 -23.80 13.27 -19.07
N THR B 148 -22.78 13.32 -18.23
CA THR B 148 -22.29 14.59 -17.68
C THR B 148 -21.19 15.25 -18.53
N THR B 149 -21.11 16.59 -18.42
CA THR B 149 -20.09 17.27 -19.20
C THR B 149 -19.21 18.19 -18.37
N ASN B 150 -19.79 19.01 -17.50
CA ASN B 150 -19.01 19.91 -16.68
C ASN B 150 -19.86 20.55 -15.60
N TRP B 151 -19.19 21.00 -14.56
CA TRP B 151 -19.89 21.70 -13.48
C TRP B 151 -20.14 23.13 -13.97
N GLU B 152 -21.28 23.72 -13.62
CA GLU B 152 -21.59 25.10 -14.02
C GLU B 152 -20.88 26.08 -13.08
N PRO B 153 -20.49 27.27 -13.46
CA PRO B 153 -19.83 28.18 -12.50
C PRO B 153 -20.75 28.38 -11.29
N SER B 154 -20.11 28.51 -10.13
CA SER B 154 -20.87 28.65 -8.90
C SER B 154 -20.44 29.79 -8.00
N CYS B 155 -21.18 29.94 -6.92
CA CYS B 155 -20.88 30.97 -5.94
C CYS B 155 -21.04 30.27 -4.57
N GLU B 156 -19.94 30.01 -3.89
CA GLU B 156 -19.95 29.35 -2.59
C GLU B 156 -19.96 30.34 -1.44
N LYS B 157 -20.70 30.10 -0.36
CA LYS B 157 -20.69 31.01 0.78
C LYS B 157 -19.76 30.32 1.80
N ILE B 158 -18.81 31.12 2.32
CA ILE B 158 -17.83 30.65 3.31
C ILE B 158 -18.21 31.31 4.63
N ILE B 159 -18.36 30.55 5.71
CA ILE B 159 -18.83 31.07 6.98
C ILE B 159 -17.83 30.73 8.08
N PRO B 160 -17.43 31.71 8.87
CA PRO B 160 -16.49 31.37 9.93
C PRO B 160 -17.21 30.80 11.16
N ILE B 161 -16.59 29.84 11.81
CA ILE B 161 -17.04 29.22 12.99
C ILE B 161 -15.95 29.58 14.02
N ASN B 162 -16.12 30.77 14.57
CA ASN B 162 -15.19 31.38 15.50
C ASN B 162 -14.79 30.59 16.74
N SER B 163 -15.73 29.97 17.44
CA SER B 163 -15.29 29.23 18.62
C SER B 163 -14.39 28.05 18.28
N GLN B 164 -14.43 27.54 17.05
CA GLN B 164 -13.58 26.40 16.69
C GLN B 164 -12.48 26.84 15.73
N LYS B 165 -12.49 28.09 15.30
CA LYS B 165 -11.45 28.52 14.37
C LYS B 165 -11.42 27.70 13.09
N ILE B 166 -12.59 27.37 12.58
CA ILE B 166 -12.75 26.60 11.34
C ILE B 166 -13.75 27.34 10.45
N LEU B 167 -13.86 26.95 9.19
CA LEU B 167 -14.77 27.52 8.23
C LEU B 167 -15.73 26.45 7.71
N LYS B 168 -16.92 26.93 7.33
CA LYS B 168 -17.95 26.10 6.78
C LYS B 168 -18.21 26.62 5.36
N GLY B 169 -18.37 25.72 4.39
CA GLY B 169 -18.65 26.10 2.99
C GLY B 169 -20.00 25.49 2.64
N ASP B 170 -20.80 26.24 1.89
CA ASP B 170 -22.13 25.93 1.41
C ASP B 170 -22.27 26.33 -0.05
N VAL B 171 -22.41 25.37 -0.95
CA VAL B 171 -22.56 25.78 -2.35
C VAL B 171 -23.48 24.75 -3.04
N SER B 172 -24.46 25.24 -3.78
CA SER B 172 -25.44 24.42 -4.53
C SER B 172 -24.80 24.29 -5.92
N MET B 173 -24.45 23.06 -6.26
CA MET B 173 -23.79 22.76 -7.52
C MET B 173 -24.67 22.11 -8.56
N TYR B 174 -24.34 22.41 -9.82
CA TYR B 174 -25.08 21.87 -10.94
C TYR B 174 -24.10 21.26 -11.96
N LEU B 175 -24.26 19.97 -12.25
CA LEU B 175 -23.44 19.25 -13.21
C LEU B 175 -24.26 19.30 -14.50
N LEU B 176 -23.72 19.88 -15.55
CA LEU B 176 -24.38 20.01 -16.86
C LEU B 176 -24.37 18.68 -17.58
N LEU B 177 -25.47 18.37 -18.25
CA LEU B 177 -25.62 17.10 -18.98
C LEU B 177 -25.59 17.28 -20.50
N LYS B 178 -25.24 16.19 -21.17
CA LYS B 178 -25.11 16.16 -22.62
C LYS B 178 -26.42 16.46 -23.33
N ASP B 179 -27.55 16.30 -22.65
CA ASP B 179 -28.81 16.58 -23.33
C ASP B 179 -29.30 17.98 -22.96
N GLY B 180 -28.44 18.80 -22.36
CA GLY B 180 -28.86 20.16 -21.99
C GLY B 180 -29.49 20.24 -20.61
N GLY B 181 -29.62 19.12 -19.92
CA GLY B 181 -30.20 19.18 -18.58
C GLY B 181 -29.15 19.54 -17.54
N ARG B 182 -29.56 19.45 -16.27
CA ARG B 182 -28.69 19.76 -15.15
C ARG B 182 -28.97 18.77 -14.01
N TYR B 183 -27.93 18.50 -13.22
CA TYR B 183 -28.03 17.53 -12.09
C TYR B 183 -27.46 18.21 -10.86
N ARG B 184 -28.28 18.45 -9.87
CA ARG B 184 -27.93 19.13 -8.64
C ARG B 184 -27.25 18.33 -7.54
N CYS B 185 -26.31 19.01 -6.90
CA CYS B 185 -25.51 18.51 -5.83
C CYS B 185 -25.34 19.58 -4.76
N GLN B 186 -25.54 19.28 -3.51
CA GLN B 186 -25.34 20.26 -2.45
C GLN B 186 -24.01 19.92 -1.79
N PHE B 187 -23.08 20.86 -1.76
CA PHE B 187 -21.78 20.62 -1.13
C PHE B 187 -21.75 21.28 0.26
N ASP B 188 -21.48 20.48 1.29
CA ASP B 188 -21.39 20.97 2.67
C ASP B 188 -19.94 20.63 3.07
N THR B 189 -19.12 21.64 3.36
CA THR B 189 -17.74 21.40 3.69
C THR B 189 -17.25 22.05 4.97
N ILE B 190 -16.29 21.40 5.62
CA ILE B 190 -15.69 21.98 6.84
C ILE B 190 -14.22 22.13 6.45
N TYR B 191 -13.64 23.31 6.59
CA TYR B 191 -12.26 23.66 6.27
C TYR B 191 -11.53 23.87 7.57
N LYS B 192 -10.41 23.19 7.77
CA LYS B 192 -9.68 23.24 9.05
C LYS B 192 -8.19 23.53 8.86
N ALA B 193 -7.73 24.67 9.36
CA ALA B 193 -6.30 24.95 9.28
C ALA B 193 -5.50 23.98 10.13
N LYS B 194 -4.26 23.68 9.75
CA LYS B 194 -3.43 22.78 10.54
C LYS B 194 -2.74 23.56 11.67
N THR B 195 -2.53 24.86 11.43
CA THR B 195 -1.89 25.68 12.48
C THR B 195 -2.96 26.62 13.02
N GLU B 196 -2.94 26.90 14.33
CA GLU B 196 -3.97 27.78 14.88
C GLU B 196 -4.06 29.14 14.22
N PRO B 197 -5.24 29.48 13.70
CA PRO B 197 -5.39 30.79 13.08
C PRO B 197 -5.16 31.91 14.09
N LYS B 198 -4.53 32.99 13.68
CA LYS B 198 -4.32 34.13 14.56
C LYS B 198 -5.45 35.12 14.32
N GLU B 199 -6.13 34.91 13.22
CA GLU B 199 -7.21 35.77 12.77
C GLU B 199 -8.22 34.97 11.97
N MET B 200 -9.47 35.36 12.03
CA MET B 200 -10.52 34.67 11.30
C MET B 200 -11.17 35.59 10.29
N PRO B 201 -11.54 35.05 9.12
CA PRO B 201 -12.18 35.96 8.18
C PRO B 201 -13.64 36.16 8.56
N ASP B 202 -14.27 37.13 7.90
CA ASP B 202 -15.69 37.36 8.13
C ASP B 202 -16.35 36.51 7.03
N TRP B 203 -17.67 36.40 6.97
CA TRP B 203 -18.24 35.59 5.88
C TRP B 203 -17.82 36.20 4.55
N HIS B 204 -17.82 35.38 3.49
CA HIS B 204 -17.50 35.89 2.17
C HIS B 204 -17.98 34.86 1.16
N PHE B 205 -17.88 35.21 -0.11
CA PHE B 205 -18.26 34.33 -1.18
C PHE B 205 -16.98 33.91 -1.90
N ILE B 206 -17.04 32.79 -2.60
CA ILE B 206 -15.91 32.33 -3.38
C ILE B 206 -16.60 31.88 -4.68
N GLN B 207 -16.32 32.56 -5.78
CA GLN B 207 -16.91 32.18 -7.07
C GLN B 207 -15.89 31.24 -7.73
N HIS B 208 -16.42 30.21 -8.40
CA HIS B 208 -15.58 29.25 -9.06
C HIS B 208 -15.95 28.87 -10.48
N LYS B 209 -14.91 28.50 -11.23
CA LYS B 209 -15.04 27.99 -12.58
C LYS B 209 -14.18 26.75 -12.57
N LEU B 210 -14.74 25.61 -12.93
CA LEU B 210 -14.00 24.34 -12.91
C LEU B 210 -14.34 23.61 -14.19
N ASN B 211 -13.35 23.34 -15.04
CA ASN B 211 -13.60 22.66 -16.29
CA ASN B 211 -13.57 22.71 -16.35
C ASN B 211 -12.77 21.42 -16.52
N ARG B 212 -13.33 20.41 -17.17
CA ARG B 212 -12.63 19.16 -17.42
C ARG B 212 -12.43 18.95 -18.92
N GLU B 213 -11.25 18.53 -19.29
CA GLU B 213 -10.88 18.25 -20.68
C GLU B 213 -10.33 16.81 -20.68
N ASP B 214 -11.00 15.88 -21.36
CA ASP B 214 -10.50 14.51 -21.40
C ASP B 214 -9.16 14.43 -22.11
N ARG B 215 -8.25 13.58 -21.62
CA ARG B 215 -6.93 13.45 -22.26
C ARG B 215 -6.51 11.99 -22.29
N SER B 216 -7.54 11.13 -22.32
CA SER B 216 -7.28 9.69 -22.31
C SER B 216 -6.49 9.23 -23.51
N ASP B 217 -5.77 8.13 -23.28
CA ASP B 217 -4.94 7.53 -24.32
C ASP B 217 -5.09 6.02 -24.27
N ALA B 218 -4.30 5.34 -25.10
CA ALA B 218 -4.39 3.90 -25.15
C ALA B 218 -4.20 3.17 -23.83
N LYS B 219 -3.38 3.71 -22.93
CA LYS B 219 -3.13 3.03 -21.66
C LYS B 219 -3.91 3.48 -20.46
N ASN B 220 -4.32 4.75 -20.43
CA ASN B 220 -5.05 5.13 -19.25
C ASN B 220 -6.09 6.22 -19.49
N GLN B 221 -7.04 6.20 -18.56
CA GLN B 221 -8.11 7.21 -18.59
C GLN B 221 -7.42 8.42 -17.95
N LYS B 222 -7.41 9.59 -18.54
CA LYS B 222 -6.76 10.77 -18.04
C LYS B 222 -7.54 12.03 -18.43
N TRP B 223 -7.31 13.10 -17.65
CA TRP B 223 -8.02 14.32 -17.99
C TRP B 223 -7.31 15.49 -17.32
N GLN B 224 -7.63 16.69 -17.75
CA GLN B 224 -7.08 17.92 -17.19
C GLN B 224 -8.23 18.74 -16.59
N LEU B 225 -8.03 19.28 -15.39
CA LEU B 225 -8.97 20.11 -14.70
C LEU B 225 -8.36 21.51 -14.65
N ILE B 226 -9.18 22.53 -14.86
CA ILE B 226 -8.70 23.91 -14.81
C ILE B 226 -9.65 24.61 -13.85
N GLU B 227 -9.13 25.18 -12.79
CA GLU B 227 -9.99 25.86 -11.83
C GLU B 227 -9.54 27.32 -11.69
N HIS B 228 -10.52 28.17 -11.50
CA HIS B 228 -10.28 29.59 -11.30
C HIS B 228 -11.19 29.99 -10.15
N ALA B 229 -10.65 30.54 -9.06
CA ALA B 229 -11.54 30.89 -7.95
C ALA B 229 -11.18 32.25 -7.37
N ILE B 230 -12.18 33.06 -7.04
CA ILE B 230 -11.91 34.39 -6.46
CA ILE B 230 -11.93 34.40 -6.47
C ILE B 230 -12.87 34.68 -5.31
N ALA B 231 -12.33 35.20 -4.20
CA ALA B 231 -13.13 35.51 -3.02
C ALA B 231 -13.67 36.93 -3.13
N SER B 232 -14.87 37.17 -2.57
CA SER B 232 -15.43 38.50 -2.64
C SER B 232 -16.53 38.69 -1.59
N ARG B 233 -16.95 39.92 -1.44
CA ARG B 233 -17.99 40.30 -0.51
C ARG B 233 -19.21 40.61 -1.39
N SER B 234 -20.30 41.11 -0.85
CA SER B 234 -21.46 41.39 -1.66
C SER B 234 -21.22 42.38 -2.77
N ALA B 235 -21.90 42.13 -3.89
CA ALA B 235 -21.79 43.02 -5.04
C ALA B 235 -22.53 44.31 -4.79
N LEU B 236 -23.40 44.29 -3.79
CA LEU B 236 -24.20 45.45 -3.44
C LEU B 236 -23.47 46.38 -2.48
N PRO B 237 -23.57 47.68 -2.70
CA PRO B 237 -22.92 48.64 -1.83
C PRO B 237 -23.49 48.52 -0.41
N GLY C 11 -31.69 -29.92 7.75
CA GLY C 11 -30.32 -29.67 7.30
C GLY C 11 -30.10 -28.21 6.96
N SER C 12 -29.77 -27.90 5.71
CA SER C 12 -29.55 -26.50 5.37
C SER C 12 -30.48 -26.03 4.26
N ALA C 13 -30.67 -24.73 4.17
CA ALA C 13 -31.53 -24.19 3.12
C ALA C 13 -30.69 -23.05 2.53
N HIS C 14 -30.42 -23.02 1.23
CA HIS C 14 -29.61 -21.94 0.65
C HIS C 14 -28.22 -21.87 1.30
N GLY C 15 -27.74 -22.99 1.82
CA GLY C 15 -26.41 -23.02 2.46
C GLY C 15 -26.43 -22.55 3.90
N LEU C 16 -27.61 -22.20 4.43
CA LEU C 16 -27.77 -21.73 5.79
C LEU C 16 -28.34 -22.72 6.79
N THR C 17 -28.02 -22.59 8.08
CA THR C 17 -28.55 -23.49 9.11
C THR C 17 -29.09 -22.56 10.21
N ASP C 18 -29.74 -23.14 11.23
CA ASP C 18 -30.28 -22.26 12.29
C ASP C 18 -29.34 -21.91 13.41
N ASP C 19 -28.06 -22.26 13.25
CA ASP C 19 -27.04 -21.96 14.27
C ASP C 19 -25.71 -21.79 13.56
N MET C 20 -25.45 -20.56 13.11
CA MET C 20 -24.23 -20.25 12.39
C MET C 20 -23.29 -19.29 13.12
N THR C 21 -22.07 -19.20 12.60
CA THR C 21 -21.07 -18.31 13.14
C THR C 21 -20.81 -17.25 12.06
N MET C 22 -20.20 -16.16 12.49
CA MET C 22 -19.92 -15.10 11.54
C MET C 22 -18.54 -14.51 11.84
N HIS C 23 -17.96 -13.95 10.79
N HIS C 23 -17.93 -13.96 10.81
CA HIS C 23 -16.64 -13.32 10.90
CA HIS C 23 -16.61 -13.33 10.87
C HIS C 23 -16.77 -11.91 10.34
C HIS C 23 -16.74 -11.91 10.31
N PHE C 24 -16.26 -10.91 11.04
CA PHE C 24 -16.37 -9.56 10.56
C PHE C 24 -15.06 -8.76 10.48
N ARG C 25 -15.05 -7.92 9.47
CA ARG C 25 -13.92 -7.02 9.25
C ARG C 25 -14.51 -5.72 8.64
N MET C 26 -14.21 -4.59 9.28
CA MET C 26 -14.67 -3.29 8.82
C MET C 26 -13.46 -2.36 8.74
N GLU C 27 -13.32 -1.63 7.64
CA GLU C 27 -12.20 -0.69 7.54
C GLU C 27 -12.94 0.65 7.37
N GLY C 28 -12.52 1.74 7.97
CA GLY C 28 -13.28 2.97 7.74
C GLY C 28 -12.46 4.16 8.13
N CYS C 29 -13.09 5.32 7.99
CA CYS C 29 -12.44 6.57 8.33
C CYS C 29 -13.52 7.60 8.63
N VAL C 30 -13.42 8.31 9.73
CA VAL C 30 -14.40 9.33 10.12
C VAL C 30 -13.64 10.64 10.42
N ASP C 31 -13.91 11.65 9.60
CA ASP C 31 -13.28 12.96 9.73
C ASP C 31 -11.76 12.83 9.76
N GLY C 32 -11.19 11.93 8.96
CA GLY C 32 -9.76 11.70 8.87
C GLY C 32 -9.21 10.66 9.81
N HIS C 33 -10.05 10.24 10.76
CA HIS C 33 -9.58 9.22 11.70
C HIS C 33 -9.83 7.82 11.17
N LYS C 34 -8.76 7.13 10.79
CA LYS C 34 -8.83 5.79 10.25
C LYS C 34 -8.94 4.72 11.32
N PHE C 35 -9.66 3.63 11.02
CA PHE C 35 -9.79 2.57 12.01
C PHE C 35 -10.12 1.24 11.34
N VAL C 36 -9.95 0.17 12.11
CA VAL C 36 -10.24 -1.18 11.62
C VAL C 36 -10.95 -1.91 12.77
N ILE C 37 -12.08 -2.55 12.47
CA ILE C 37 -12.83 -3.29 13.46
C ILE C 37 -12.86 -4.75 13.02
N GLU C 38 -12.69 -5.67 13.98
CA GLU C 38 -12.75 -7.08 13.57
C GLU C 38 -13.60 -7.77 14.63
N GLY C 39 -14.29 -8.83 14.25
CA GLY C 39 -15.09 -9.49 15.27
C GLY C 39 -15.64 -10.82 14.80
N ASN C 40 -16.48 -11.41 15.66
CA ASN C 40 -17.08 -12.69 15.30
C ASN C 40 -18.49 -12.71 15.89
N GLY C 41 -19.26 -13.75 15.60
CA GLY C 41 -20.59 -13.72 16.19
C GLY C 41 -21.28 -15.05 15.93
N ASN C 42 -22.56 -15.11 16.33
CA ASN C 42 -23.34 -16.31 16.12
C ASN C 42 -24.79 -15.90 16.00
N GLY C 43 -25.56 -16.73 15.30
CA GLY C 43 -26.94 -16.33 15.19
C GLY C 43 -27.76 -17.40 14.49
N ASN C 44 -29.07 -17.14 14.42
CA ASN C 44 -30.05 -18.00 13.78
C ASN C 44 -30.70 -17.14 12.68
N PRO C 45 -30.28 -17.30 11.43
CA PRO C 45 -30.90 -16.47 10.39
C PRO C 45 -32.40 -16.67 10.25
N PHE C 46 -32.92 -17.85 10.55
CA PHE C 46 -34.34 -18.20 10.44
C PHE C 46 -35.19 -17.54 11.51
N LYS C 47 -34.56 -17.11 12.59
CA LYS C 47 -35.32 -16.43 13.62
C LYS C 47 -34.93 -14.93 13.62
N GLY C 48 -34.09 -14.49 12.68
CA GLY C 48 -33.61 -13.12 12.49
C GLY C 48 -32.88 -12.63 13.71
N LYS C 49 -32.12 -13.49 14.41
CA LYS C 49 -31.43 -13.04 15.59
C LYS C 49 -29.92 -13.29 15.55
N GLN C 50 -29.14 -12.27 15.91
CA GLN C 50 -27.69 -12.47 15.90
C GLN C 50 -27.02 -11.73 17.07
N PHE C 51 -25.86 -12.25 17.45
CA PHE C 51 -24.98 -11.75 18.53
C PHE C 51 -23.63 -11.46 17.88
N ILE C 52 -23.12 -10.25 17.98
CA ILE C 52 -21.87 -9.84 17.36
C ILE C 52 -20.88 -9.26 18.33
N ASN C 53 -19.68 -9.79 18.32
CA ASN C 53 -18.60 -9.34 19.23
C ASN C 53 -17.56 -8.61 18.43
N LEU C 54 -17.40 -7.32 18.69
CA LEU C 54 -16.44 -6.50 17.96
C LEU C 54 -15.36 -5.89 18.85
N CYS C 55 -14.25 -5.63 18.17
CA CYS C 55 -13.10 -5.03 18.81
C CYS C 55 -12.40 -4.11 17.81
N VAL C 56 -11.95 -2.97 18.35
CA VAL C 56 -11.25 -1.99 17.56
C VAL C 56 -9.80 -2.49 17.47
N ILE C 57 -9.44 -3.10 16.33
CA ILE C 57 -8.05 -3.59 16.25
C ILE C 57 -7.10 -2.54 15.73
N GLU C 58 -7.60 -1.46 15.14
CA GLU C 58 -6.70 -0.41 14.65
C GLU C 58 -7.43 0.92 14.83
N GLY C 59 -6.73 1.94 15.29
CA GLY C 59 -7.35 3.24 15.48
C GLY C 59 -8.03 3.45 16.80
N GLY C 60 -7.93 2.55 17.76
CA GLY C 60 -8.64 2.88 19.01
C GLY C 60 -7.78 3.81 19.86
N PRO C 61 -8.34 4.52 20.83
CA PRO C 61 -9.77 4.49 21.15
C PRO C 61 -10.44 5.40 20.11
N LEU C 62 -11.61 5.01 19.66
CA LEU C 62 -12.33 5.80 18.67
C LEU C 62 -12.75 7.15 19.25
N PRO C 63 -12.53 8.22 18.51
CA PRO C 63 -12.90 9.55 19.01
C PRO C 63 -14.39 9.86 18.84
N PHE C 64 -15.08 9.02 18.10
CA PHE C 64 -16.51 9.19 17.86
C PHE C 64 -17.30 8.06 18.48
N SER C 65 -18.57 8.26 18.77
CA SER C 65 -19.38 7.21 19.36
C SER C 65 -19.48 6.00 18.47
N GLU C 66 -19.25 4.82 19.06
CA GLU C 66 -19.32 3.60 18.27
C GLU C 66 -20.74 3.28 17.82
N ASP C 67 -21.73 3.96 18.40
CA ASP C 67 -23.08 3.64 17.91
C ASP C 67 -23.26 3.99 16.44
N ILE C 68 -22.51 4.94 15.87
CA ILE C 68 -22.77 5.23 14.45
C ILE C 68 -22.47 4.08 13.50
N LEU C 69 -21.63 3.17 13.96
CA LEU C 69 -21.28 2.03 13.13
C LEU C 69 -22.16 0.79 13.22
N SER C 70 -22.95 0.67 14.27
CA SER C 70 -23.74 -0.54 14.51
C SER C 70 -24.57 -1.12 13.38
N ALA C 71 -25.28 -0.32 12.59
CA ALA C 71 -26.08 -0.99 11.55
C ALA C 71 -25.30 -1.45 10.35
N ALA C 72 -23.96 -1.42 10.38
CA ALA C 72 -23.18 -1.88 9.25
C ALA C 72 -22.89 -3.37 9.45
N PHE C 73 -23.15 -3.97 10.61
CA PHE C 73 -22.88 -5.38 10.89
C PHE C 73 -23.98 -6.39 10.77
N1 XYG C 74 -25.23 -6.09 10.89
CB1 XYG C 74 -26.33 -4.97 12.75
CA1 XYG C 74 -26.08 -5.15 11.25
C1 XYG C 74 -26.93 -4.54 10.36
N2 XYG C 74 -28.01 -3.87 10.77
OH XYG C 74 -33.12 -0.12 13.37
CD2 XYG C 74 -31.65 -1.07 10.18
CE2 XYG C 74 -32.50 -0.46 11.08
CZ XYG C 74 -32.28 -0.68 12.41
CE1 XYG C 74 -31.24 -1.53 12.84
CD1 XYG C 74 -30.41 -2.17 11.95
CG2 XYG C 74 -30.61 -1.94 10.58
CB2 XYG C 74 -29.79 -2.55 9.53
CA2 XYG C 74 -28.70 -3.36 9.68
C2 XYG C 74 -27.96 -3.79 8.45
O2 XYG C 74 -28.22 -3.60 7.28
N3 XYG C 74 -26.87 -4.48 8.97
CA3 XYG C 74 -25.85 -4.93 8.07
C3 XYG C 74 -25.79 -6.31 7.51
O3 XYG C 74 -24.84 -6.54 6.78
N ASN C 75 -26.78 -7.11 7.90
CA ASN C 75 -26.75 -8.48 7.36
C ASN C 75 -28.19 -8.98 7.40
N ARG C 76 -28.89 -8.73 6.30
CA ARG C 76 -30.30 -9.09 6.14
C ARG C 76 -30.57 -10.60 6.10
N LEU C 77 -29.53 -11.44 6.14
CA LEU C 77 -29.76 -12.89 6.19
C LEU C 77 -30.46 -13.11 7.55
N PHE C 78 -30.13 -12.26 8.53
CA PHE C 78 -30.69 -12.29 9.89
C PHE C 78 -31.98 -11.48 9.96
N THR C 79 -32.97 -12.06 9.27
CA THR C 79 -34.29 -11.46 9.22
C THR C 79 -35.31 -12.60 9.21
N GLU C 80 -36.29 -12.60 10.13
CA GLU C 80 -37.27 -13.68 10.06
C GLU C 80 -38.36 -13.29 9.06
N TYR C 81 -38.48 -14.00 7.93
CA TYR C 81 -39.48 -13.73 6.91
C TYR C 81 -40.61 -14.74 6.99
N PRO C 82 -41.84 -14.28 6.83
CA PRO C 82 -42.99 -15.16 6.81
C PRO C 82 -43.03 -15.71 5.37
N GLU C 83 -43.56 -16.89 5.17
CA GLU C 83 -43.66 -17.55 3.88
C GLU C 83 -44.36 -16.71 2.83
N GLY C 84 -45.23 -15.80 3.20
CA GLY C 84 -45.97 -14.96 2.28
C GLY C 84 -45.18 -13.81 1.70
N ILE C 85 -43.94 -13.60 2.15
CA ILE C 85 -43.09 -12.55 1.62
C ILE C 85 -41.82 -13.20 1.07
N VAL C 86 -41.46 -12.94 -0.18
CA VAL C 86 -40.26 -13.53 -0.74
C VAL C 86 -39.05 -13.05 0.07
N ASP C 87 -38.12 -13.94 0.39
CA ASP C 87 -36.93 -13.61 1.15
C ASP C 87 -35.77 -13.45 0.17
N TYR C 88 -35.59 -12.23 -0.35
CA TYR C 88 -34.54 -11.93 -1.31
C TYR C 88 -33.13 -12.23 -0.82
N PHE C 89 -32.93 -12.00 0.47
CA PHE C 89 -31.60 -12.20 1.10
C PHE C 89 -31.20 -13.65 1.25
N LYS C 90 -32.08 -14.50 1.77
CA LYS C 90 -31.69 -15.92 1.87
C LYS C 90 -31.65 -16.54 0.48
N ASN C 91 -32.46 -16.03 -0.43
CA ASN C 91 -32.45 -16.56 -1.80
C ASN C 91 -31.12 -16.28 -2.48
N SER C 92 -30.40 -15.24 -2.05
CA SER C 92 -29.11 -14.90 -2.63
C SER C 92 -27.96 -15.77 -2.13
N CYS C 93 -28.25 -16.60 -1.13
CA CYS C 93 -27.21 -17.45 -0.57
C CYS C 93 -27.08 -18.76 -1.31
N PRO C 94 -25.94 -19.42 -1.17
CA PRO C 94 -24.79 -19.02 -0.40
C PRO C 94 -23.86 -17.95 -0.97
N ALA C 95 -24.01 -17.56 -2.24
CA ALA C 95 -23.10 -16.52 -2.77
C ALA C 95 -23.15 -15.26 -1.93
N GLY C 96 -24.41 -14.90 -1.60
CA GLY C 96 -24.59 -13.72 -0.79
C GLY C 96 -25.07 -12.48 -1.52
N TYR C 97 -24.88 -11.33 -0.88
CA TYR C 97 -25.31 -10.05 -1.43
C TYR C 97 -24.45 -8.90 -0.98
N THR C 98 -24.66 -7.72 -1.56
CA THR C 98 -23.91 -6.52 -1.18
C THR C 98 -24.95 -5.42 -0.94
N TRP C 99 -24.52 -4.41 -0.19
CA TRP C 99 -25.42 -3.29 0.11
C TRP C 99 -24.57 -2.02 0.29
N HIS C 100 -25.21 -0.88 0.02
CA HIS C 100 -24.63 0.47 0.08
C HIS C 100 -25.65 1.38 0.74
N ARG C 101 -25.25 2.15 1.73
CA ARG C 101 -26.16 3.00 2.45
C ARG C 101 -25.58 4.38 2.73
N SER C 102 -26.49 5.32 2.80
CA SER C 102 -26.09 6.67 3.13
C SER C 102 -27.09 7.10 4.22
N PHE C 103 -26.69 8.16 4.89
CA PHE C 103 -27.53 8.70 5.94
C PHE C 103 -26.85 10.00 6.38
N ARG C 104 -27.82 10.89 6.57
CA ARG C 104 -27.43 12.22 7.00
C ARG C 104 -28.11 12.54 8.32
N PHE C 105 -27.21 12.76 9.27
CA PHE C 105 -27.66 13.12 10.63
C PHE C 105 -28.22 14.54 10.61
N GLU C 106 -29.09 14.80 11.59
CA GLU C 106 -29.74 16.09 11.69
C GLU C 106 -28.78 17.26 11.87
N ASP C 107 -27.56 17.08 12.37
CA ASP C 107 -26.68 18.23 12.50
C ASP C 107 -25.74 18.32 11.31
N GLY C 108 -26.10 17.68 10.20
CA GLY C 108 -25.25 17.76 9.02
C GLY C 108 -24.20 16.74 8.75
N ALA C 109 -23.86 15.90 9.73
CA ALA C 109 -22.85 14.88 9.51
C ALA C 109 -23.45 13.88 8.52
N VAL C 110 -22.60 13.31 7.68
CA VAL C 110 -23.03 12.35 6.70
C VAL C 110 -22.10 11.14 6.74
N CYS C 111 -22.70 9.96 6.63
CA CYS C 111 -21.90 8.75 6.63
C CYS C 111 -22.36 7.89 5.45
N ILE C 112 -21.47 7.02 5.03
CA ILE C 112 -21.86 6.13 3.94
C ILE C 112 -21.23 4.79 4.34
N CYS C 113 -21.80 3.65 4.00
CA CYS C 113 -21.21 2.39 4.38
CA CYS C 113 -21.17 2.39 4.38
C CYS C 113 -21.57 1.37 3.32
N SER C 114 -20.77 0.34 3.19
CA SER C 114 -20.99 -0.71 2.22
C SER C 114 -20.56 -2.04 2.84
N ALA C 115 -21.12 -3.15 2.40
CA ALA C 115 -20.74 -4.44 2.94
C ALA C 115 -21.02 -5.52 1.88
N ASP C 116 -20.30 -6.61 2.07
CA ASP C 116 -20.31 -7.78 1.23
C ASP C 116 -20.51 -8.98 2.16
N ILE C 117 -21.56 -9.74 1.92
CA ILE C 117 -21.84 -10.91 2.74
C ILE C 117 -21.66 -12.15 1.87
N THR C 118 -20.92 -13.14 2.37
CA THR C 118 -20.70 -14.39 1.64
C THR C 118 -20.92 -15.55 2.58
N VAL C 119 -21.45 -16.68 2.16
CA VAL C 119 -21.60 -17.80 3.09
C VAL C 119 -20.57 -18.89 2.74
N ASN C 120 -19.93 -19.43 3.76
CA ASN C 120 -19.01 -20.54 3.58
C ASN C 120 -19.75 -21.75 4.08
N VAL C 121 -20.34 -22.53 3.17
CA VAL C 121 -21.17 -23.66 3.56
C VAL C 121 -20.41 -24.75 4.28
N ARG C 122 -19.21 -25.05 3.82
CA ARG C 122 -18.48 -26.10 4.52
C ARG C 122 -18.21 -25.76 5.97
N GLU C 123 -18.02 -24.48 6.27
CA GLU C 123 -17.76 -24.07 7.65
C GLU C 123 -19.03 -23.62 8.38
N ASN C 124 -20.13 -23.51 7.66
CA ASN C 124 -21.39 -23.06 8.28
C ASN C 124 -21.12 -21.69 8.89
N CYS C 125 -20.41 -20.85 8.16
CA CYS C 125 -20.04 -19.51 8.58
CA CYS C 125 -20.08 -19.51 8.62
C CYS C 125 -20.29 -18.45 7.54
N ILE C 126 -20.58 -17.24 8.05
CA ILE C 126 -20.83 -16.13 7.16
C ILE C 126 -19.67 -15.15 7.25
N TYR C 127 -19.16 -14.74 6.11
CA TYR C 127 -18.04 -13.77 6.06
C TYR C 127 -18.66 -12.42 5.71
N HIS C 128 -18.38 -11.47 6.57
CA HIS C 128 -18.88 -10.11 6.42
C HIS C 128 -17.74 -9.10 6.36
N GLU C 129 -17.70 -8.39 5.24
CA GLU C 129 -16.67 -7.37 5.00
C GLU C 129 -17.34 -6.04 4.76
N SER C 130 -16.93 -4.98 5.46
CA SER C 130 -17.56 -3.69 5.25
C SER C 130 -16.60 -2.51 5.29
N THR C 131 -17.13 -1.37 4.84
CA THR C 131 -16.35 -0.14 4.85
C THR C 131 -17.23 0.96 5.43
N PHE C 132 -16.75 1.87 6.23
CA PHE C 132 -17.56 2.94 6.77
C PHE C 132 -16.79 4.25 6.73
N TYR C 133 -17.39 5.27 6.10
CA TYR C 133 -16.76 6.58 5.98
C TYR C 133 -17.76 7.62 6.43
N GLY C 134 -17.25 8.62 7.15
CA GLY C 134 -18.11 9.70 7.64
C GLY C 134 -17.38 11.02 7.72
N VAL C 135 -18.20 12.10 7.62
CA VAL C 135 -17.64 13.44 7.70
C VAL C 135 -18.59 14.40 8.39
N ASN C 136 -17.94 15.44 8.89
CA ASN C 136 -18.55 16.61 9.52
C ASN C 136 -19.43 16.43 10.75
N PHE C 137 -18.87 15.71 11.72
CA PHE C 137 -19.57 15.54 12.97
C PHE C 137 -19.12 16.77 13.79
N PRO C 138 -20.01 17.62 14.29
CA PRO C 138 -19.60 18.80 15.07
C PRO C 138 -18.86 18.39 16.33
N ALA C 139 -17.82 19.12 16.70
CA ALA C 139 -17.05 18.80 17.90
C ALA C 139 -17.89 18.80 19.16
N ASP C 140 -18.92 19.63 19.20
CA ASP C 140 -19.74 19.62 20.41
C ASP C 140 -20.98 18.76 20.26
N GLY C 141 -21.11 18.02 19.18
CA GLY C 141 -22.27 17.17 18.95
C GLY C 141 -22.24 15.90 19.77
N PRO C 142 -23.35 15.19 19.84
CA PRO C 142 -23.37 13.97 20.65
C PRO C 142 -22.49 12.82 20.18
N VAL C 143 -22.09 12.84 18.93
CA VAL C 143 -21.23 11.73 18.47
C VAL C 143 -19.82 11.94 18.96
N MET C 144 -19.29 13.18 18.82
CA MET C 144 -17.92 13.43 19.29
C MET C 144 -17.85 13.52 20.81
N LYS C 145 -18.97 13.85 21.47
CA LYS C 145 -19.00 13.95 22.91
C LYS C 145 -19.37 12.59 23.52
N LYS C 146 -19.62 11.58 22.69
CA LYS C 146 -19.98 10.24 23.14
C LYS C 146 -21.10 10.25 24.15
N MET C 147 -22.18 10.88 23.72
CA MET C 147 -23.39 11.03 24.52
C MET C 147 -24.49 10.11 24.02
N THR C 148 -24.20 9.27 23.03
CA THR C 148 -25.24 8.34 22.58
C THR C 148 -25.25 7.03 23.36
N THR C 149 -26.42 6.35 23.37
CA THR C 149 -26.44 5.09 24.12
C THR C 149 -26.91 3.91 23.29
N ASN C 150 -27.86 4.15 22.38
CA ASN C 150 -28.37 3.06 21.56
C ASN C 150 -29.35 3.56 20.51
N TRP C 151 -29.56 2.80 19.47
CA TRP C 151 -30.54 3.15 18.44
C TRP C 151 -31.91 2.67 18.98
N GLU C 152 -32.96 3.41 18.66
CA GLU C 152 -34.29 3.02 19.10
C GLU C 152 -34.85 2.01 18.11
N PRO C 153 -35.77 1.12 18.47
CA PRO C 153 -36.33 0.14 17.53
C PRO C 153 -36.91 0.89 16.35
N SER C 154 -36.89 0.32 15.16
CA SER C 154 -37.39 0.96 13.96
C SER C 154 -38.22 0.07 13.05
N CYS C 155 -38.79 0.71 12.03
CA CYS C 155 -39.59 -0.03 11.06
C CYS C 155 -39.10 0.47 9.70
N GLU C 156 -38.34 -0.37 9.00
CA GLU C 156 -37.81 0.01 7.69
C GLU C 156 -38.75 -0.44 6.59
N LYS C 157 -38.89 0.36 5.54
CA LYS C 157 -39.73 0.02 4.40
C LYS C 157 -38.76 -0.48 3.32
N ILE C 158 -39.08 -1.64 2.75
CA ILE C 158 -38.31 -2.27 1.71
C ILE C 158 -39.17 -2.27 0.46
N ILE C 159 -38.59 -1.74 -0.62
CA ILE C 159 -39.24 -1.63 -1.89
CA ILE C 159 -39.33 -1.71 -1.88
C ILE C 159 -38.49 -2.33 -2.99
N PRO C 160 -39.16 -3.05 -3.88
CA PRO C 160 -38.43 -3.68 -4.97
C PRO C 160 -38.28 -2.75 -6.18
N ILE C 161 -37.14 -2.83 -6.84
CA ILE C 161 -36.94 -2.25 -8.14
C ILE C 161 -36.89 -3.39 -9.10
N ASN C 162 -38.06 -3.78 -9.60
CA ASN C 162 -38.16 -4.91 -10.51
C ASN C 162 -37.26 -4.87 -11.74
N SER C 163 -37.15 -3.74 -12.40
CA SER C 163 -36.34 -3.59 -13.61
C SER C 163 -34.86 -3.92 -13.38
N GLN C 164 -34.37 -3.76 -12.15
CA GLN C 164 -32.98 -4.06 -11.89
C GLN C 164 -32.77 -5.21 -10.93
N LYS C 165 -33.86 -5.78 -10.47
CA LYS C 165 -33.82 -6.89 -9.53
C LYS C 165 -33.00 -6.59 -8.29
N ILE C 166 -33.22 -5.41 -7.75
CA ILE C 166 -32.54 -4.94 -6.54
C ILE C 166 -33.56 -4.42 -5.55
N LEU C 167 -33.20 -4.17 -4.30
CA LEU C 167 -34.14 -3.65 -3.32
C LEU C 167 -33.63 -2.32 -2.76
N LYS C 168 -34.56 -1.45 -2.37
CA LYS C 168 -34.24 -0.22 -1.68
C LYS C 168 -34.84 -0.22 -0.28
N GLY C 169 -34.07 0.29 0.67
CA GLY C 169 -34.55 0.34 2.05
C GLY C 169 -34.59 1.82 2.48
N ASP C 170 -35.59 2.16 3.30
CA ASP C 170 -35.83 3.49 3.82
C ASP C 170 -36.18 3.43 5.29
N VAL C 171 -35.39 3.97 6.19
CA VAL C 171 -35.81 3.90 7.59
C VAL C 171 -35.32 5.16 8.32
N SER C 172 -36.22 5.79 9.07
CA SER C 172 -35.96 7.00 9.88
C SER C 172 -35.41 6.46 11.20
N MET C 173 -34.17 6.80 11.54
CA MET C 173 -33.55 6.29 12.76
C MET C 173 -33.27 7.35 13.80
N TYR C 174 -33.31 6.91 15.05
CA TYR C 174 -33.10 7.74 16.19
C TYR C 174 -32.11 7.15 17.18
N LEU C 175 -31.07 7.92 17.48
CA LEU C 175 -30.06 7.48 18.44
C LEU C 175 -30.47 8.15 19.75
N LEU C 176 -30.61 7.36 20.81
CA LEU C 176 -30.99 7.89 22.11
C LEU C 176 -29.76 8.47 22.80
N LEU C 177 -29.94 9.60 23.48
CA LEU C 177 -28.83 10.26 24.17
C LEU C 177 -28.93 9.99 25.67
N LYS C 178 -27.77 10.13 26.32
CA LYS C 178 -27.71 9.87 27.76
C LYS C 178 -28.64 10.78 28.54
N ASP C 179 -28.94 11.97 28.03
CA ASP C 179 -29.84 12.87 28.78
C ASP C 179 -31.29 12.67 28.40
N GLY C 180 -31.57 11.64 27.61
CA GLY C 180 -32.94 11.35 27.19
C GLY C 180 -33.36 11.94 25.88
N GLY C 181 -32.47 12.76 25.30
CA GLY C 181 -32.83 13.37 24.02
C GLY C 181 -32.66 12.34 22.89
N ARG C 182 -32.93 12.75 21.65
CA ARG C 182 -32.85 11.92 20.47
C ARG C 182 -32.05 12.63 19.38
N TYR C 183 -31.38 11.83 18.56
CA TYR C 183 -30.53 12.37 17.45
C TYR C 183 -30.93 11.60 16.21
N ARG C 184 -31.52 12.22 15.17
CA ARG C 184 -32.02 11.59 14.00
C ARG C 184 -31.09 11.34 12.79
N CYS C 185 -31.24 10.19 12.16
CA CYS C 185 -30.54 9.80 10.99
C CYS C 185 -31.53 9.27 9.99
N GLN C 186 -31.30 9.39 8.71
CA GLN C 186 -32.17 8.87 7.69
C GLN C 186 -31.33 7.81 6.96
N PHE C 187 -31.68 6.53 6.96
CA PHE C 187 -30.90 5.53 6.24
C PHE C 187 -31.50 5.26 4.84
N ASP C 188 -30.69 5.37 3.79
CA ASP C 188 -31.17 5.09 2.42
C ASP C 188 -30.25 3.98 1.93
N THR C 189 -30.79 2.79 1.67
CA THR C 189 -29.94 1.69 1.25
C THR C 189 -30.35 0.99 -0.01
N ILE C 190 -29.34 0.46 -0.72
CA ILE C 190 -29.64 -0.30 -1.94
CA ILE C 190 -29.58 -0.28 -1.94
C ILE C 190 -29.06 -1.68 -1.61
N TYR C 191 -29.88 -2.70 -1.80
CA TYR C 191 -29.58 -4.12 -1.54
C TYR C 191 -29.48 -4.86 -2.88
N LYS C 192 -28.35 -5.53 -3.11
CA LYS C 192 -28.15 -6.24 -4.35
C LYS C 192 -27.65 -7.66 -4.27
N ALA C 193 -28.42 -8.65 -4.73
CA ALA C 193 -28.02 -10.04 -4.72
C ALA C 193 -26.79 -10.24 -5.61
N LYS C 194 -25.90 -11.20 -5.31
CA LYS C 194 -24.72 -11.41 -6.15
C LYS C 194 -25.05 -12.12 -7.47
N THR C 195 -26.07 -12.94 -7.44
CA THR C 195 -26.49 -13.65 -8.65
C THR C 195 -27.94 -13.29 -8.91
N GLU C 196 -28.34 -13.40 -10.15
CA GLU C 196 -29.67 -13.09 -10.60
C GLU C 196 -30.82 -13.63 -9.77
N PRO C 197 -31.59 -12.75 -9.15
CA PRO C 197 -32.73 -13.23 -8.36
C PRO C 197 -33.71 -14.04 -9.19
N LYS C 198 -34.17 -15.18 -8.65
CA LYS C 198 -35.15 -15.95 -9.45
C LYS C 198 -36.57 -15.53 -9.08
N GLU C 199 -36.71 -14.66 -8.08
CA GLU C 199 -37.98 -14.13 -7.61
C GLU C 199 -37.73 -12.78 -6.95
N MET C 200 -38.77 -11.96 -6.92
CA MET C 200 -38.66 -10.67 -6.28
C MET C 200 -39.81 -10.49 -5.29
N PRO C 201 -39.51 -9.90 -4.13
CA PRO C 201 -40.58 -9.64 -3.20
C PRO C 201 -41.43 -8.44 -3.50
N ASP C 202 -42.59 -8.34 -2.92
CA ASP C 202 -43.34 -7.13 -3.09
C ASP C 202 -42.84 -6.25 -1.97
N TRP C 203 -43.33 -4.99 -1.84
CA TRP C 203 -42.87 -4.14 -0.74
C TRP C 203 -43.17 -4.82 0.58
N HIS C 204 -42.43 -4.46 1.63
CA HIS C 204 -42.72 -5.02 2.93
C HIS C 204 -41.98 -4.15 3.95
N PHE C 205 -42.25 -4.41 5.21
CA PHE C 205 -41.56 -3.71 6.28
C PHE C 205 -40.60 -4.71 6.94
N ILE C 206 -39.59 -4.21 7.61
CA ILE C 206 -38.65 -5.01 8.37
C ILE C 206 -38.56 -4.24 9.70
N GLN C 207 -38.98 -4.80 10.84
CA GLN C 207 -38.87 -4.14 12.12
C GLN C 207 -37.54 -4.63 12.70
N HIS C 208 -36.83 -3.73 13.35
CA HIS C 208 -35.57 -4.05 13.93
C HIS C 208 -35.36 -3.58 15.37
N LYS C 209 -34.56 -4.33 16.09
CA LYS C 209 -34.16 -4.04 17.47
C LYS C 209 -32.64 -4.23 17.46
N LEU C 210 -31.85 -3.21 17.82
CA LEU C 210 -30.40 -3.29 17.82
C LEU C 210 -29.88 -2.66 19.10
N ASN C 211 -29.19 -3.44 19.90
CA ASN C 211 -28.67 -2.98 21.16
CA ASN C 211 -28.70 -2.99 21.20
C ASN C 211 -27.17 -3.16 21.28
N ARG C 212 -26.53 -2.24 21.97
CA ARG C 212 -25.11 -2.29 22.17
C ARG C 212 -24.74 -2.47 23.65
N GLU C 213 -23.76 -3.34 23.91
CA GLU C 213 -23.32 -3.51 25.30
C GLU C 213 -21.80 -3.27 25.28
N ASP C 214 -21.32 -2.20 25.91
CA ASP C 214 -19.88 -1.96 25.89
C ASP C 214 -19.19 -3.02 26.74
N ARG C 215 -18.03 -3.48 26.30
CA ARG C 215 -17.27 -4.50 27.05
C ARG C 215 -15.81 -4.05 27.12
N SER C 216 -15.58 -2.77 26.87
CA SER C 216 -14.22 -2.25 26.89
C SER C 216 -13.50 -2.34 28.23
N ASP C 217 -12.17 -2.33 28.16
CA ASP C 217 -11.34 -2.38 29.38
C ASP C 217 -10.20 -1.39 29.17
N ALA C 218 -9.22 -1.30 30.04
CA ALA C 218 -8.14 -0.34 29.85
C ALA C 218 -7.24 -0.62 28.67
N LYS C 219 -7.29 -1.85 28.17
CA LYS C 219 -6.45 -2.22 27.04
C LYS C 219 -7.13 -2.29 25.69
N ASN C 220 -8.42 -2.62 25.67
CA ASN C 220 -9.12 -2.73 24.42
C ASN C 220 -10.53 -2.18 24.39
N GLN C 221 -10.87 -1.67 23.22
CA GLN C 221 -12.20 -1.11 23.01
C GLN C 221 -12.96 -2.21 22.29
N LYS C 222 -13.98 -2.71 22.96
CA LYS C 222 -14.79 -3.79 22.39
C LYS C 222 -16.21 -3.67 22.93
N TRP C 223 -17.11 -4.30 22.16
CA TRP C 223 -18.51 -4.26 22.58
C TRP C 223 -19.26 -5.41 21.91
N GLN C 224 -20.50 -5.59 22.36
CA GLN C 224 -21.35 -6.62 21.80
C GLN C 224 -22.60 -5.94 21.22
N LEU C 225 -23.03 -6.42 20.06
CA LEU C 225 -24.22 -5.94 19.40
C LEU C 225 -25.23 -7.12 19.37
N ILE C 226 -26.51 -6.83 19.61
CA ILE C 226 -27.53 -7.87 19.55
C ILE C 226 -28.62 -7.33 18.63
N GLU C 227 -28.96 -8.10 17.59
CA GLU C 227 -29.97 -7.64 16.67
C GLU C 227 -31.05 -8.69 16.49
N HIS C 228 -32.28 -8.20 16.37
CA HIS C 228 -33.45 -9.04 16.14
C HIS C 228 -34.23 -8.35 15.02
N ALA C 229 -34.61 -9.01 13.92
CA ALA C 229 -35.36 -8.33 12.83
C ALA C 229 -36.40 -9.28 12.28
N ILE C 230 -37.58 -8.76 11.94
CA ILE C 230 -38.68 -9.54 11.44
CA ILE C 230 -38.68 -9.53 11.44
CA ILE C 230 -38.66 -9.56 11.41
C ILE C 230 -39.33 -8.77 10.29
N ALA C 231 -39.66 -9.48 9.22
CA ALA C 231 -40.30 -8.93 8.07
C ALA C 231 -41.83 -9.06 8.20
N SER C 232 -42.55 -8.08 7.65
CA SER C 232 -44.02 -8.19 7.73
C SER C 232 -44.67 -7.26 6.72
N ARG C 233 -45.98 -7.34 6.63
CA ARG C 233 -46.75 -6.45 5.76
C ARG C 233 -47.51 -5.56 6.74
N SER C 234 -48.53 -4.82 6.30
CA SER C 234 -49.21 -3.94 7.25
C SER C 234 -49.92 -4.66 8.37
N ALA C 235 -50.01 -3.98 9.52
CA ALA C 235 -50.70 -4.58 10.64
C ALA C 235 -52.20 -4.40 10.46
N LEU C 236 -52.62 -3.54 9.52
CA LEU C 236 -54.07 -3.36 9.35
C LEU C 236 -54.62 -4.39 8.39
N PRO C 237 -55.81 -4.92 8.65
CA PRO C 237 -56.34 -5.94 7.72
C PRO C 237 -56.68 -5.40 6.33
N SER D 12 -7.46 -35.36 0.19
CA SER D 12 -6.32 -34.46 0.19
C SER D 12 -6.74 -33.00 0.35
N ALA D 13 -6.83 -32.57 1.62
CA ALA D 13 -7.21 -31.22 1.99
C ALA D 13 -6.30 -30.18 1.33
N HIS D 14 -6.93 -29.29 0.57
CA HIS D 14 -6.26 -28.18 -0.08
C HIS D 14 -5.25 -28.69 -1.10
N GLY D 15 -5.50 -29.91 -1.54
CA GLY D 15 -4.70 -30.65 -2.47
C GLY D 15 -3.41 -31.24 -1.96
N LEU D 16 -3.31 -31.37 -0.64
CA LEU D 16 -2.14 -31.87 0.03
C LEU D 16 -2.34 -33.24 0.66
N THR D 17 -1.27 -34.01 0.75
CA THR D 17 -1.34 -35.34 1.34
C THR D 17 -0.28 -35.39 2.45
N ASP D 18 -0.11 -36.51 3.15
CA ASP D 18 0.88 -36.59 4.22
C ASP D 18 2.18 -37.25 3.76
N ASP D 19 2.30 -37.52 2.48
CA ASP D 19 3.46 -38.16 1.85
C ASP D 19 3.54 -37.54 0.45
N MET D 20 4.32 -36.45 0.38
N MET D 20 4.33 -36.47 0.35
CA MET D 20 4.49 -35.76 -0.88
CA MET D 20 4.42 -35.68 -0.87
C MET D 20 5.92 -35.60 -1.35
C MET D 20 5.86 -35.64 -1.38
N THR D 21 6.00 -35.16 -2.60
CA THR D 21 7.32 -34.95 -3.17
C THR D 21 7.41 -33.47 -3.50
N MET D 22 8.62 -33.01 -3.77
CA MET D 22 8.81 -31.60 -4.09
C MET D 22 9.86 -31.51 -5.19
N HIS D 23 9.87 -30.43 -5.94
CA HIS D 23 10.83 -30.20 -6.99
C HIS D 23 11.37 -28.79 -6.63
N PHE D 24 12.69 -28.65 -6.66
CA PHE D 24 13.26 -27.37 -6.34
C PHE D 24 14.25 -26.90 -7.40
N ARG D 25 14.23 -25.60 -7.58
CA ARG D 25 15.11 -24.95 -8.53
C ARG D 25 15.40 -23.55 -7.95
N MET D 26 16.69 -23.27 -7.77
CA MET D 26 17.16 -21.99 -7.27
C MET D 26 18.21 -21.45 -8.24
N GLU D 27 18.11 -20.17 -8.53
CA GLU D 27 19.03 -19.43 -9.37
C GLU D 27 19.52 -18.30 -8.46
N GLY D 28 20.83 -18.06 -8.44
CA GLY D 28 21.27 -16.98 -7.55
C GLY D 28 22.63 -16.46 -7.98
N CYS D 29 23.06 -15.50 -7.18
CA CYS D 29 24.35 -14.85 -7.39
C CYS D 29 24.79 -14.21 -6.07
N VAL D 30 26.01 -14.52 -5.65
CA VAL D 30 26.54 -13.95 -4.40
C VAL D 30 27.84 -13.26 -4.76
N ASP D 31 27.93 -11.96 -4.56
CA ASP D 31 29.12 -11.19 -4.88
C ASP D 31 29.58 -11.47 -6.30
N GLY D 32 28.66 -11.53 -7.25
CA GLY D 32 29.06 -11.78 -8.63
C GLY D 32 29.19 -13.23 -9.04
N HIS D 33 29.15 -14.18 -8.11
CA HIS D 33 29.27 -15.61 -8.43
C HIS D 33 27.89 -16.19 -8.69
N LYS D 34 27.62 -16.51 -9.95
CA LYS D 34 26.32 -17.08 -10.32
C LYS D 34 26.21 -18.56 -10.06
N PHE D 35 25.02 -19.06 -9.74
CA PHE D 35 24.90 -20.51 -9.50
C PHE D 35 23.45 -20.90 -9.70
N VAL D 36 23.25 -22.20 -9.84
CA VAL D 36 21.92 -22.77 -10.02
C VAL D 36 21.91 -24.07 -9.21
N ILE D 37 20.83 -24.31 -8.48
CA ILE D 37 20.75 -25.54 -7.68
C ILE D 37 19.48 -26.26 -8.12
N GLU D 38 19.54 -27.58 -8.22
CA GLU D 38 18.39 -28.40 -8.61
C GLU D 38 18.22 -29.41 -7.49
N GLY D 39 16.97 -29.78 -7.21
CA GLY D 39 16.79 -30.74 -6.13
C GLY D 39 15.38 -31.28 -6.14
N ASN D 40 15.15 -32.17 -5.17
CA ASN D 40 13.88 -32.81 -4.97
C ASN D 40 13.76 -33.07 -3.45
N GLY D 41 12.57 -33.52 -3.07
CA GLY D 41 12.34 -33.81 -1.66
C GLY D 41 11.02 -34.53 -1.42
N ASN D 42 10.88 -34.92 -0.16
CA ASN D 42 9.71 -35.62 0.33
C ASN D 42 9.44 -35.13 1.74
N GLY D 43 8.18 -35.25 2.17
CA GLY D 43 7.72 -34.84 3.47
C GLY D 43 6.23 -34.86 3.68
N ASN D 44 5.81 -34.62 4.90
CA ASN D 44 4.47 -34.57 5.45
C ASN D 44 4.24 -33.15 5.99
N PRO D 45 3.52 -32.36 5.20
CA PRO D 45 3.24 -30.98 5.56
C PRO D 45 2.41 -30.87 6.83
N PHE D 46 1.61 -31.90 7.08
CA PHE D 46 0.76 -31.92 8.27
C PHE D 46 1.55 -32.09 9.55
N LYS D 47 2.78 -32.60 9.41
CA LYS D 47 3.64 -32.80 10.58
C LYS D 47 4.80 -31.80 10.49
N GLY D 48 4.74 -30.89 9.52
CA GLY D 48 5.76 -29.88 9.31
C GLY D 48 7.16 -30.44 9.14
N LYS D 49 7.27 -31.59 8.48
CA LYS D 49 8.55 -32.25 8.36
C LYS D 49 8.98 -32.53 6.93
N GLN D 50 10.17 -32.12 6.52
CA GLN D 50 10.52 -32.41 5.14
C GLN D 50 12.01 -32.72 4.99
N PHE D 51 12.29 -33.45 3.93
CA PHE D 51 13.57 -33.92 3.46
C PHE D 51 13.79 -33.28 2.08
N ILE D 52 14.86 -32.52 1.92
CA ILE D 52 15.22 -31.82 0.70
C ILE D 52 16.60 -32.20 0.19
N ASN D 53 16.70 -32.75 -1.02
CA ASN D 53 17.92 -33.17 -1.66
C ASN D 53 18.39 -32.19 -2.73
N LEU D 54 19.47 -31.47 -2.45
CA LEU D 54 19.96 -30.49 -3.40
C LEU D 54 21.34 -30.71 -4.01
N CYS D 55 21.41 -30.22 -5.25
CA CYS D 55 22.64 -30.30 -6.01
C CYS D 55 22.99 -29.04 -6.77
N VAL D 56 24.28 -28.68 -6.66
CA VAL D 56 24.75 -27.50 -7.39
C VAL D 56 25.06 -27.97 -8.80
N ILE D 57 24.28 -27.55 -9.79
CA ILE D 57 24.53 -27.99 -11.15
C ILE D 57 25.23 -26.92 -11.98
N GLU D 58 25.48 -25.73 -11.43
CA GLU D 58 26.15 -24.65 -12.15
C GLU D 58 26.77 -23.74 -11.07
N GLY D 59 28.00 -23.30 -11.30
CA GLY D 59 28.67 -22.44 -10.33
C GLY D 59 29.30 -23.26 -9.22
N GLY D 60 29.23 -24.59 -9.28
CA GLY D 60 29.84 -25.38 -8.23
C GLY D 60 31.30 -25.68 -8.48
N PRO D 61 32.13 -25.85 -7.45
CA PRO D 61 31.74 -25.77 -6.04
C PRO D 61 31.56 -24.31 -5.64
N LEU D 62 30.57 -24.03 -4.81
CA LEU D 62 30.33 -22.67 -4.38
C LEU D 62 31.48 -22.15 -3.54
N PRO D 63 31.82 -20.88 -3.80
CA PRO D 63 32.91 -20.26 -3.05
C PRO D 63 32.46 -19.74 -1.68
N PHE D 64 31.18 -19.79 -1.39
CA PHE D 64 30.62 -19.33 -0.12
C PHE D 64 29.96 -20.52 0.56
N SER D 65 29.77 -20.49 1.85
CA SER D 65 29.11 -21.53 2.62
C SER D 65 27.69 -21.79 2.13
N GLU D 66 27.35 -23.03 1.81
CA GLU D 66 26.00 -23.30 1.32
C GLU D 66 24.96 -23.16 2.42
N ASP D 67 25.33 -23.02 3.68
CA ASP D 67 24.39 -22.84 4.77
C ASP D 67 23.61 -21.52 4.65
N ILE D 68 24.19 -20.51 3.97
CA ILE D 68 23.46 -19.26 3.84
C ILE D 68 22.19 -19.44 3.02
N LEU D 69 22.14 -20.48 2.18
CA LEU D 69 20.98 -20.71 1.34
C LEU D 69 19.88 -21.58 1.93
N SER D 70 20.14 -22.32 3.01
CA SER D 70 19.18 -23.28 3.57
C SER D 70 17.77 -22.78 3.88
N ALA D 71 17.52 -21.60 4.41
CA ALA D 71 16.12 -21.28 4.70
C ALA D 71 15.32 -20.80 3.49
N ALA D 72 15.88 -20.94 2.30
CA ALA D 72 15.16 -20.53 1.10
C ALA D 72 14.40 -21.76 0.57
N PHE D 73 14.58 -22.95 1.14
CA PHE D 73 13.85 -24.11 0.60
C PHE D 73 12.67 -24.64 1.38
N1 XYG D 74 12.47 -24.52 2.66
CB1 XYG D 74 14.28 -24.89 4.28
CA1 XYG D 74 13.14 -24.04 3.71
C1 XYG D 74 12.70 -22.93 4.40
N2 XYG D 74 13.02 -22.67 5.67
OH XYG D 74 15.39 -21.46 11.96
CD2 XYG D 74 13.18 -20.02 9.48
CE2 XYG D 74 13.90 -20.16 10.65
CZ XYG D 74 14.68 -21.28 10.81
CE1 XYG D 74 14.75 -22.23 9.79
CD1 XYG D 74 14.04 -22.09 8.61
CG2 XYG D 74 13.23 -20.98 8.44
CB2 XYG D 74 12.44 -20.76 7.22
CA2 XYG D 74 12.42 -21.49 6.09
C2 XYG D 74 11.64 -20.97 4.92
O2 XYG D 74 10.96 -19.99 4.87
N3 XYG D 74 11.89 -21.90 3.91
CA3 XYG D 74 11.40 -21.65 2.58
C3 XYG D 74 10.09 -22.20 2.06
O3 XYG D 74 9.74 -21.80 0.95
N ASN D 75 9.46 -23.04 2.88
CA ASN D 75 8.18 -23.59 2.41
C ASN D 75 7.36 -23.90 3.66
N ARG D 76 6.62 -22.87 4.06
CA ARG D 76 5.76 -22.89 5.24
C ARG D 76 4.60 -23.86 5.16
N LEU D 77 4.45 -24.55 4.03
CA LEU D 77 3.39 -25.56 3.89
C LEU D 77 3.81 -26.62 4.91
N PHE D 78 5.13 -26.79 5.03
CA PHE D 78 5.73 -27.74 5.98
C PHE D 78 5.85 -27.12 7.37
N THR D 79 4.69 -26.99 7.99
CA THR D 79 4.56 -26.43 9.33
C THR D 79 3.39 -27.08 10.07
N GLU D 80 3.69 -27.80 11.16
CA GLU D 80 2.57 -28.41 11.87
C GLU D 80 1.73 -27.32 12.52
N TYR D 81 0.48 -27.09 12.12
CA TYR D 81 -0.32 -26.06 12.75
C TYR D 81 -1.39 -26.62 13.68
N PRO D 82 -1.50 -26.20 14.93
CA PRO D 82 -2.54 -26.76 15.80
C PRO D 82 -3.91 -26.24 15.39
N GLU D 83 -4.97 -26.91 15.82
CA GLU D 83 -6.34 -26.53 15.49
C GLU D 83 -6.68 -25.08 15.79
N GLY D 84 -6.21 -24.53 16.91
CA GLY D 84 -6.40 -23.21 17.40
C GLY D 84 -5.68 -22.06 16.73
N ILE D 85 -4.76 -22.28 15.81
CA ILE D 85 -4.05 -21.18 15.14
C ILE D 85 -4.37 -21.32 13.65
N VAL D 86 -4.76 -20.24 13.01
CA VAL D 86 -5.09 -20.37 11.59
C VAL D 86 -3.88 -20.71 10.71
N ASP D 87 -3.96 -21.69 9.83
CA ASP D 87 -2.82 -22.07 8.96
C ASP D 87 -2.93 -21.35 7.62
N TYR D 88 -2.37 -20.15 7.55
CA TYR D 88 -2.34 -19.26 6.40
C TYR D 88 -1.81 -19.88 5.13
N PHE D 89 -0.81 -20.71 5.26
CA PHE D 89 -0.13 -21.40 4.17
C PHE D 89 -0.89 -22.57 3.56
N LYS D 90 -1.43 -23.46 4.37
CA LYS D 90 -2.15 -24.60 3.77
C LYS D 90 -3.43 -24.12 3.12
N ASN D 91 -3.99 -23.07 3.72
CA ASN D 91 -5.21 -22.48 3.22
C ASN D 91 -5.07 -21.95 1.80
N SER D 92 -3.87 -21.59 1.34
CA SER D 92 -3.69 -21.07 -0.02
C SER D 92 -3.36 -22.19 -1.00
N CYS D 93 -3.42 -23.42 -0.52
CA CYS D 93 -3.12 -24.55 -1.40
C CYS D 93 -4.44 -24.99 -2.02
N PRO D 94 -4.38 -25.58 -3.20
CA PRO D 94 -3.10 -25.81 -3.88
C PRO D 94 -2.52 -24.66 -4.71
N ALA D 95 -3.06 -23.45 -4.77
CA ALA D 95 -2.38 -22.45 -5.61
C ALA D 95 -0.95 -22.18 -5.15
N GLY D 96 -0.83 -22.04 -3.84
CA GLY D 96 0.48 -21.77 -3.26
C GLY D 96 0.56 -20.35 -2.72
N TYR D 97 1.79 -19.93 -2.45
CA TYR D 97 2.10 -18.62 -1.92
C TYR D 97 3.48 -18.19 -2.36
N THR D 98 3.79 -16.96 -2.02
CA THR D 98 5.09 -16.36 -2.35
C THR D 98 5.65 -15.70 -1.09
N TRP D 99 6.97 -15.53 -1.04
CA TRP D 99 7.56 -14.89 0.13
C TRP D 99 8.79 -14.09 -0.30
N HIS D 100 9.16 -13.07 0.48
CA HIS D 100 10.31 -12.20 0.19
C HIS D 100 11.05 -11.98 1.51
N ARG D 101 12.35 -12.24 1.49
CA ARG D 101 13.08 -12.07 2.74
C ARG D 101 14.43 -11.42 2.58
N SER D 102 14.82 -10.74 3.65
CA SER D 102 16.08 -10.06 3.81
C SER D 102 16.62 -10.37 5.22
N PHE D 103 17.94 -10.24 5.29
CA PHE D 103 18.67 -10.46 6.52
C PHE D 103 20.08 -9.90 6.27
N ARG D 104 20.48 -9.28 7.37
CA ARG D 104 21.78 -8.67 7.40
C ARG D 104 22.58 -9.41 8.49
N PHE D 105 23.63 -10.02 7.93
CA PHE D 105 24.59 -10.70 8.78
C PHE D 105 25.37 -9.66 9.61
N GLU D 106 25.81 -10.11 10.78
CA GLU D 106 26.53 -9.18 11.66
C GLU D 106 27.79 -8.55 11.11
N ASP D 107 28.39 -9.09 10.06
CA ASP D 107 29.60 -8.50 9.50
C ASP D 107 29.28 -7.63 8.28
N GLY D 108 28.01 -7.26 8.16
CA GLY D 108 27.62 -6.39 7.05
C GLY D 108 27.15 -7.03 5.78
N ALA D 109 27.34 -8.32 5.60
CA ALA D 109 26.88 -9.00 4.38
C ALA D 109 25.35 -8.99 4.43
N VAL D 110 24.72 -8.87 3.27
CA VAL D 110 23.27 -8.81 3.18
C VAL D 110 22.78 -9.70 2.04
N CYS D 111 21.74 -10.49 2.28
CA CYS D 111 21.19 -11.36 1.26
C CYS D 111 19.68 -11.07 1.19
N ILE D 112 19.10 -11.38 0.05
CA ILE D 112 17.67 -11.20 -0.14
C ILE D 112 17.27 -12.46 -0.92
N CYS D 113 16.12 -13.06 -0.65
CA CYS D 113 15.70 -14.27 -1.33
CA CYS D 113 15.72 -14.27 -1.39
C CYS D 113 14.19 -14.18 -1.50
N SER D 114 13.67 -14.85 -2.51
CA SER D 114 12.26 -14.90 -2.81
C SER D 114 11.93 -16.29 -3.36
N ALA D 115 10.74 -16.79 -3.07
CA ALA D 115 10.36 -18.10 -3.57
C ALA D 115 8.90 -18.12 -4.02
N ASP D 116 8.64 -19.14 -4.82
CA ASP D 116 7.29 -19.35 -5.35
C ASP D 116 6.97 -20.83 -5.16
N ILE D 117 5.93 -21.07 -4.40
CA ILE D 117 5.45 -22.40 -4.09
C ILE D 117 4.12 -22.70 -4.79
N THR D 118 4.08 -23.79 -5.51
CA THR D 118 2.90 -24.16 -6.20
C THR D 118 2.58 -25.61 -5.88
N VAL D 119 1.31 -25.95 -5.66
CA VAL D 119 1.02 -27.35 -5.39
C VAL D 119 0.49 -27.93 -6.71
N ASN D 120 1.04 -29.06 -7.10
CA ASN D 120 0.67 -29.80 -8.31
C ASN D 120 -0.17 -30.97 -7.80
N VAL D 121 -1.48 -30.80 -7.63
CA VAL D 121 -2.36 -31.85 -7.13
C VAL D 121 -2.36 -33.10 -8.01
N ARG D 122 -2.27 -32.88 -9.32
CA ARG D 122 -2.27 -33.97 -10.27
C ARG D 122 -1.19 -35.01 -9.98
N GLU D 123 -0.01 -34.56 -9.57
CA GLU D 123 1.12 -35.43 -9.28
C GLU D 123 1.45 -35.51 -7.79
N ASN D 124 0.60 -34.92 -6.96
CA ASN D 124 0.74 -34.88 -5.50
C ASN D 124 2.13 -34.40 -5.13
N CYS D 125 2.53 -33.27 -5.74
CA CYS D 125 3.86 -32.75 -5.44
C CYS D 125 3.83 -31.24 -5.36
N ILE D 126 4.96 -30.71 -4.88
CA ILE D 126 5.11 -29.27 -4.75
C ILE D 126 6.27 -28.82 -5.63
N TYR D 127 6.03 -27.73 -6.38
CA TYR D 127 7.05 -27.08 -7.21
C TYR D 127 7.55 -25.85 -6.50
N HIS D 128 8.85 -25.77 -6.25
CA HIS D 128 9.39 -24.60 -5.54
C HIS D 128 10.44 -23.92 -6.41
N GLU D 129 10.26 -22.63 -6.64
CA GLU D 129 11.19 -21.85 -7.46
C GLU D 129 11.68 -20.66 -6.63
N SER D 130 12.99 -20.47 -6.58
CA SER D 130 13.48 -19.35 -5.78
C SER D 130 14.69 -18.66 -6.40
N THR D 131 14.98 -17.49 -5.88
CA THR D 131 16.16 -16.76 -6.37
C THR D 131 16.88 -16.26 -5.12
N PHE D 132 18.19 -16.27 -5.12
CA PHE D 132 18.95 -15.83 -3.96
C PHE D 132 20.09 -14.92 -4.37
N TYR D 133 20.10 -13.74 -3.77
CA TYR D 133 21.19 -12.84 -4.13
C TYR D 133 21.85 -12.34 -2.87
N GLY D 134 23.17 -12.15 -2.87
CA GLY D 134 23.77 -11.65 -1.65
C GLY D 134 25.00 -10.85 -2.00
N VAL D 135 25.39 -9.95 -1.10
CA VAL D 135 26.55 -9.12 -1.31
C VAL D 135 27.43 -8.86 -0.10
N ASN D 136 28.72 -8.52 -0.32
CA ASN D 136 29.64 -8.12 0.75
C ASN D 136 29.93 -9.10 1.91
N PHE D 137 30.22 -10.34 1.50
CA PHE D 137 30.69 -11.30 2.48
C PHE D 137 32.22 -11.03 2.56
N PRO D 138 32.83 -10.77 3.70
CA PRO D 138 34.28 -10.51 3.81
C PRO D 138 35.07 -11.77 3.44
N ALA D 139 36.14 -11.51 2.70
CA ALA D 139 36.97 -12.63 2.24
C ALA D 139 37.48 -13.51 3.37
N ASP D 140 37.69 -12.91 4.52
CA ASP D 140 38.19 -13.58 5.71
C ASP D 140 37.09 -14.01 6.66
N GLY D 141 35.82 -13.81 6.33
CA GLY D 141 34.74 -14.21 7.22
C GLY D 141 34.39 -15.69 7.11
N PRO D 142 33.53 -16.19 8.00
CA PRO D 142 33.15 -17.60 8.02
C PRO D 142 32.42 -18.09 6.78
N VAL D 143 31.70 -17.20 6.11
CA VAL D 143 31.02 -17.71 4.91
C VAL D 143 31.99 -18.00 3.78
N MET D 144 32.91 -17.09 3.49
CA MET D 144 33.88 -17.30 2.40
C MET D 144 34.95 -18.32 2.77
N LYS D 145 35.18 -18.53 4.06
CA LYS D 145 36.17 -19.50 4.54
C LYS D 145 35.49 -20.86 4.68
N LYS D 146 34.18 -20.91 4.42
CA LYS D 146 33.36 -22.14 4.48
C LYS D 146 33.58 -22.90 5.78
N MET D 147 33.30 -22.19 6.87
CA MET D 147 33.60 -22.61 8.22
CA MET D 147 33.58 -22.63 8.21
C MET D 147 32.30 -22.74 9.01
N THR D 148 31.19 -23.02 8.34
CA THR D 148 29.92 -23.11 9.06
C THR D 148 29.47 -24.55 9.19
N THR D 149 28.59 -24.76 10.17
CA THR D 149 28.13 -26.16 10.32
C THR D 149 26.62 -26.32 10.24
N ASN D 150 25.86 -25.42 10.85
CA ASN D 150 24.42 -25.49 10.84
C ASN D 150 23.75 -24.31 11.53
N TRP D 151 22.50 -24.10 11.20
CA TRP D 151 21.72 -23.04 11.83
C TRP D 151 21.25 -23.61 13.18
N GLU D 152 21.19 -22.81 14.22
CA GLU D 152 20.74 -23.25 15.55
C GLU D 152 19.20 -23.25 15.55
N PRO D 153 18.53 -24.13 16.25
CA PRO D 153 17.06 -24.15 16.31
C PRO D 153 16.58 -22.75 16.70
N SER D 154 15.44 -22.34 16.13
CA SER D 154 14.94 -21.01 16.40
C SER D 154 13.45 -20.93 16.72
N CYS D 155 13.05 -19.69 17.03
CA CYS D 155 11.69 -19.37 17.35
C CYS D 155 11.35 -18.08 16.59
N GLU D 156 10.63 -18.21 15.49
CA GLU D 156 10.24 -17.09 14.66
C GLU D 156 8.90 -16.50 15.09
N LYS D 157 8.77 -15.18 15.06
CA LYS D 157 7.49 -14.59 15.44
C LYS D 157 6.75 -14.29 14.13
N ILE D 158 5.52 -14.71 14.00
CA ILE D 158 4.69 -14.49 12.81
C ILE D 158 3.60 -13.48 13.24
N ILE D 159 3.51 -12.40 12.48
CA ILE D 159 2.54 -11.36 12.79
C ILE D 159 1.64 -11.04 11.62
N PRO D 160 0.34 -10.97 11.86
CA PRO D 160 -0.52 -10.65 10.72
C PRO D 160 -0.58 -9.21 10.27
N ILE D 161 -0.73 -9.01 8.97
CA ILE D 161 -0.91 -7.66 8.52
C ILE D 161 -2.27 -7.69 7.85
N ASN D 162 -3.28 -7.50 8.68
CA ASN D 162 -4.68 -7.56 8.32
C ASN D 162 -5.14 -6.71 7.14
N SER D 163 -4.76 -5.44 7.07
CA SER D 163 -5.26 -4.68 5.93
C SER D 163 -4.74 -5.17 4.59
N GLN D 164 -3.64 -5.92 4.57
CA GLN D 164 -3.11 -6.42 3.30
C GLN D 164 -3.28 -7.93 3.19
N LYS D 165 -3.76 -8.57 4.25
CA LYS D 165 -3.95 -10.02 4.20
C LYS D 165 -2.65 -10.74 3.92
N ILE D 166 -1.56 -10.28 4.54
CA ILE D 166 -0.23 -10.89 4.40
C ILE D 166 0.34 -11.08 5.80
N LEU D 167 1.51 -11.72 5.90
CA LEU D 167 2.11 -12.02 7.18
C LEU D 167 3.55 -11.48 7.20
N LYS D 168 4.04 -11.19 8.39
CA LYS D 168 5.39 -10.68 8.58
C LYS D 168 6.07 -11.73 9.47
N GLY D 169 7.30 -12.08 9.18
CA GLY D 169 8.09 -13.05 9.94
C GLY D 169 9.31 -12.32 10.52
N ASP D 170 9.68 -12.60 11.75
CA ASP D 170 10.83 -11.99 12.44
C ASP D 170 11.58 -13.08 13.19
N VAL D 171 12.81 -13.40 12.79
CA VAL D 171 13.53 -14.43 13.55
C VAL D 171 15.03 -14.08 13.58
N SER D 172 15.59 -14.10 14.77
CA SER D 172 17.00 -13.87 14.94
C SER D 172 17.70 -15.20 14.80
N MET D 173 18.53 -15.31 13.79
CA MET D 173 19.18 -16.59 13.50
C MET D 173 20.62 -16.65 13.83
N TYR D 174 21.11 -17.85 14.10
CA TYR D 174 22.50 -18.04 14.44
C TYR D 174 23.08 -19.21 13.65
N LEU D 175 24.10 -18.90 12.87
CA LEU D 175 24.77 -19.93 12.07
C LEU D 175 25.96 -20.39 12.92
N LEU D 176 25.95 -21.64 13.34
CA LEU D 176 27.06 -22.16 14.17
C LEU D 176 28.28 -22.37 13.31
N LEU D 177 29.46 -22.10 13.87
CA LEU D 177 30.70 -22.24 13.12
C LEU D 177 31.54 -23.39 13.61
N LYS D 178 32.32 -23.96 12.69
CA LYS D 178 33.19 -25.07 13.02
C LYS D 178 34.11 -24.71 14.17
N ASP D 179 34.52 -23.45 14.25
CA ASP D 179 35.42 -23.03 15.32
C ASP D 179 34.70 -22.62 16.59
N GLY D 180 33.44 -22.94 16.75
CA GLY D 180 32.75 -22.57 17.97
C GLY D 180 32.02 -21.29 18.01
N GLY D 181 32.22 -20.38 17.09
CA GLY D 181 31.45 -19.20 17.25
C GLY D 181 30.05 -19.35 16.69
N ARG D 182 29.33 -18.24 16.75
CA ARG D 182 27.97 -18.13 16.25
C ARG D 182 27.99 -16.89 15.35
N TYR D 183 27.36 -16.99 14.21
CA TYR D 183 27.31 -15.87 13.23
C TYR D 183 25.87 -15.46 13.13
N ARG D 184 25.50 -14.27 13.59
CA ARG D 184 24.09 -13.84 13.58
C ARG D 184 23.48 -13.25 12.34
N CYS D 185 22.24 -13.57 11.99
CA CYS D 185 21.55 -13.07 10.81
C CYS D 185 20.17 -12.63 11.32
N GLN D 186 19.60 -11.56 10.82
CA GLN D 186 18.28 -11.14 11.22
C GLN D 186 17.37 -11.47 10.02
N PHE D 187 16.37 -12.33 10.08
CA PHE D 187 15.51 -12.65 8.96
C PHE D 187 14.22 -11.83 9.03
N ASP D 188 13.93 -11.03 8.01
CA ASP D 188 12.72 -10.20 7.95
C ASP D 188 12.03 -10.70 6.68
N THR D 189 10.86 -11.31 6.86
CA THR D 189 10.10 -11.86 5.77
C THR D 189 8.67 -11.42 5.62
N ILE D 190 8.18 -11.36 4.38
CA ILE D 190 6.77 -11.00 4.13
C ILE D 190 6.22 -12.24 3.41
N TYR D 191 5.12 -12.83 3.86
CA TYR D 191 4.48 -14.02 3.32
C TYR D 191 3.17 -13.66 2.63
N LYS D 192 2.96 -14.05 1.37
CA LYS D 192 1.72 -13.73 0.65
C LYS D 192 1.04 -14.86 -0.09
N ALA D 193 -0.20 -15.16 0.29
CA ALA D 193 -0.99 -16.20 -0.32
C ALA D 193 -1.29 -15.88 -1.78
N LYS D 194 -1.28 -16.86 -2.67
CA LYS D 194 -1.57 -16.46 -4.06
C LYS D 194 -3.08 -16.44 -4.10
N THR D 195 -3.78 -17.17 -3.25
CA THR D 195 -5.28 -17.17 -3.24
C THR D 195 -5.72 -16.42 -1.99
N GLU D 196 -6.50 -15.36 -2.17
CA GLU D 196 -7.01 -14.49 -1.15
C GLU D 196 -7.60 -15.13 0.10
N PRO D 197 -6.95 -14.83 1.22
CA PRO D 197 -7.34 -15.34 2.54
C PRO D 197 -8.70 -14.87 3.05
N LYS D 198 -9.50 -15.84 3.51
CA LYS D 198 -10.82 -15.55 4.02
C LYS D 198 -10.78 -15.38 5.54
N GLU D 199 -9.68 -15.88 6.07
CA GLU D 199 -9.35 -15.88 7.49
C GLU D 199 -7.86 -15.58 7.67
N MET D 200 -7.56 -14.83 8.71
CA MET D 200 -6.18 -14.46 9.02
C MET D 200 -5.85 -15.00 10.41
N PRO D 201 -4.63 -15.44 10.65
CA PRO D 201 -4.30 -15.96 11.97
C PRO D 201 -3.94 -14.86 12.93
N ASP D 202 -3.91 -15.11 14.24
CA ASP D 202 -3.49 -13.95 15.06
C ASP D 202 -1.97 -14.22 15.22
N TRP D 203 -1.21 -13.36 15.87
CA TRP D 203 0.24 -13.60 15.99
C TRP D 203 0.49 -14.99 16.57
N HIS D 204 1.65 -15.52 16.28
CA HIS D 204 2.01 -16.84 16.81
C HIS D 204 3.51 -17.05 16.58
N PHE D 205 4.02 -18.13 17.11
CA PHE D 205 5.42 -18.49 16.98
C PHE D 205 5.51 -19.70 16.05
N ILE D 206 6.69 -19.89 15.46
CA ILE D 206 6.95 -20.99 14.61
C ILE D 206 8.36 -21.43 15.00
N GLN D 207 8.45 -22.57 15.68
CA GLN D 207 9.78 -23.04 16.10
C GLN D 207 10.30 -23.90 14.96
N HIS D 208 11.56 -23.78 14.67
CA HIS D 208 12.17 -24.53 13.60
C HIS D 208 13.47 -25.21 13.96
N LYS D 209 13.69 -26.34 13.27
CA LYS D 209 14.90 -27.12 13.40
C LYS D 209 15.34 -27.36 11.93
N LEU D 210 16.53 -26.95 11.53
CA LEU D 210 16.99 -27.14 10.14
C LEU D 210 18.40 -27.71 10.17
N ASN D 211 18.61 -28.86 9.55
CA ASN D 211 19.93 -29.49 9.54
CA ASN D 211 19.90 -29.50 9.52
C ASN D 211 20.41 -29.78 8.12
N ARG D 212 21.72 -29.63 7.95
CA ARG D 212 22.38 -29.87 6.68
C ARG D 212 23.36 -31.05 6.79
N GLU D 213 23.23 -32.02 5.90
CA GLU D 213 24.08 -33.18 5.85
C GLU D 213 24.80 -33.11 4.49
N ASP D 214 26.11 -32.91 4.50
CA ASP D 214 26.85 -32.85 3.23
C ASP D 214 26.89 -34.23 2.57
N ARG D 215 26.65 -34.28 1.26
CA ARG D 215 26.65 -35.50 0.48
C ARG D 215 27.51 -35.33 -0.77
N SER D 216 28.37 -34.31 -0.77
CA SER D 216 29.21 -34.09 -1.94
C SER D 216 30.13 -35.27 -2.28
N ASP D 217 30.62 -35.20 -3.52
CA ASP D 217 31.53 -36.22 -4.09
C ASP D 217 32.37 -35.58 -5.19
N ALA D 218 33.21 -36.36 -5.87
CA ALA D 218 34.07 -35.87 -6.94
C ALA D 218 33.31 -35.21 -8.09
N LYS D 219 32.05 -35.59 -8.26
CA LYS D 219 31.37 -34.95 -9.38
C LYS D 219 30.56 -33.73 -9.03
N ASN D 220 29.84 -33.83 -7.91
CA ASN D 220 28.98 -32.71 -7.53
C ASN D 220 28.96 -32.25 -6.05
N GLN D 221 28.61 -30.96 -5.92
CA GLN D 221 28.47 -30.46 -4.59
C GLN D 221 27.02 -30.74 -4.26
N LYS D 222 26.65 -31.47 -3.24
CA LYS D 222 25.23 -31.77 -3.00
C LYS D 222 25.02 -32.06 -1.52
N TRP D 223 23.81 -31.88 -1.04
CA TRP D 223 23.55 -32.12 0.35
C TRP D 223 22.06 -32.33 0.57
N GLN D 224 21.79 -32.75 1.82
CA GLN D 224 20.41 -32.97 2.20
C GLN D 224 20.07 -32.04 3.37
N LEU D 225 18.91 -31.41 3.29
CA LEU D 225 18.44 -30.53 4.35
C LEU D 225 17.23 -31.23 5.00
N ILE D 226 17.12 -31.16 6.30
CA ILE D 226 15.99 -31.77 7.03
C ILE D 226 15.40 -30.67 7.92
N GLU D 227 14.14 -30.33 7.69
CA GLU D 227 13.44 -29.30 8.43
C GLU D 227 12.23 -29.88 9.16
N HIS D 228 12.04 -29.37 10.37
CA HIS D 228 10.92 -29.76 11.25
C HIS D 228 10.45 -28.42 11.80
N ALA D 229 9.20 -28.06 11.63
CA ALA D 229 8.64 -26.78 12.09
C ALA D 229 7.24 -26.93 12.69
N ILE D 230 7.04 -26.28 13.84
CA ILE D 230 5.74 -26.36 14.48
C ILE D 230 5.31 -24.99 15.03
N ALA D 231 4.05 -24.68 14.73
CA ALA D 231 3.43 -23.43 15.15
C ALA D 231 2.86 -23.54 16.56
N SER D 232 2.93 -22.41 17.30
CA SER D 232 2.42 -22.43 18.66
C SER D 232 2.20 -21.03 19.20
N ARG D 233 1.43 -20.94 20.27
CA ARG D 233 1.32 -19.68 20.95
C ARG D 233 2.24 -19.67 22.15
N SER D 234 2.06 -18.69 23.02
CA SER D 234 2.96 -18.61 24.15
C SER D 234 2.94 -19.81 25.09
N ALA D 235 4.10 -20.14 25.64
CA ALA D 235 4.23 -21.26 26.57
C ALA D 235 3.65 -20.88 27.92
N LEU D 236 3.47 -19.59 28.23
CA LEU D 236 2.92 -19.21 29.53
C LEU D 236 1.39 -19.26 29.53
N PRO D 237 0.80 -19.76 30.61
CA PRO D 237 -0.66 -19.83 30.64
C PRO D 237 -1.26 -18.42 30.53
S SO4 E . 23.27 22.43 -2.05
O1 SO4 E . 22.58 21.24 -2.56
O2 SO4 E . 22.32 23.54 -1.89
O3 SO4 E . 23.93 22.10 -0.77
O4 SO4 E . 24.27 22.89 -3.05
S SO4 F . -20.02 32.79 -17.57
O1 SO4 F . -20.52 32.95 -18.97
O2 SO4 F . -18.82 33.62 -17.40
O3 SO4 F . -21.12 33.24 -16.70
O4 SO4 F . -19.74 31.38 -17.30
S SO4 G . -40.04 -2.01 22.87
O1 SO4 G . -40.88 -1.28 21.92
O2 SO4 G . -38.62 -1.62 22.63
O3 SO4 G . -40.46 -1.67 24.23
O4 SO4 G . -40.21 -3.46 22.70
S SO4 H . -0.89 -16.41 24.54
O1 SO4 H . -0.72 -15.02 24.98
O2 SO4 H . -0.82 -17.32 25.71
O3 SO4 H . -2.21 -16.61 23.90
O4 SO4 H . 0.19 -16.76 23.60
#